data_3CND
#
_entry.id   3CND
#
_cell.length_a   102.579
_cell.length_b   215.853
_cell.length_c   118.904
_cell.angle_alpha   90.000
_cell.angle_beta   90.000
_cell.angle_gamma   90.000
#
_symmetry.space_group_name_H-M   'C 2 2 21'
#
loop_
_entity.id
_entity.type
_entity.pdbx_description
1 polymer 'Polyamine oxidase FMS1'
2 non-polymer 'FLAVIN-ADENINE DINUCLEOTIDE'
3 non-polymer N-[3-({4-[(3-aminopropyl)amino]butyl}amino)propyl]acetamide
4 water water
#
_entity_poly.entity_id   1
_entity_poly.type   'polypeptide(L)'
_entity_poly.pdbx_seq_one_letter_code
;MNTVSPAKKKVIIIGAGIAGLKAASTLHQNGIQDCLVLEARDRVGGRLQTVTGYQGRKYDIGASWHHDTLTNPLFLEEAQ
LSLNDGRTRFVFDDDNFIYIDEERGRVDHDKELLLEIVDNEMSKFAELEFHQHLGVSDCSFFQLVMKYLLQRRQFLTNDQ
IRYLPQLCRYLELWHGLDWKLLSAKDTYFGHQGRNAFALNYDSVVQRIAQSFPQNWLKLSCEVKSITREPSKNVTVNCED
GTVYNADYVIITVPQSVLNLSVQPEKNLRGRIEFQPPLKPVIQDAFDKIHFGALGKVIFEFEECCWSNESSKIVTLANST
NEFVEIVRNAENLDELDSMLEREDSQKHTSVTCWSQPLFFVNLSKSTGVASFMMLMQAPLTNHIESIREDKERLFSFFQP
VLNKIMKCLDSEDVIDGMRPIENIANANKPVLRNIIVSNWTRDPYSRGAYSACFPGDDPVDMVVAMSNGQDSRIRFAGEH
TIMDGAGCAYGAWESGRREATRISDLLKLEHHHHHH
;
_entity_poly.pdbx_strand_id   B,A
#
loop_
_chem_comp.id
_chem_comp.type
_chem_comp.name
_chem_comp.formula
FAD non-polymer 'FLAVIN-ADENINE DINUCLEOTIDE' 'C27 H33 N9 O15 P2'
SP5 non-polymer N-[3-({4-[(3-aminopropyl)amino]butyl}amino)propyl]acetamide 'C12 H28 N4 O'
#
# COMPACT_ATOMS: atom_id res chain seq x y z
N LYS A 8 25.39 8.47 46.23
CA LYS A 8 25.57 9.86 45.76
C LYS A 8 24.57 10.19 44.66
N LYS A 9 24.32 9.24 43.76
CA LYS A 9 23.37 9.47 42.67
C LYS A 9 22.18 8.51 42.59
N LYS A 10 21.00 9.09 42.36
CA LYS A 10 19.76 8.33 42.25
C LYS A 10 19.80 7.44 41.01
N VAL A 11 19.91 8.08 39.84
CA VAL A 11 19.97 7.37 38.56
C VAL A 11 21.15 7.84 37.69
N ILE A 12 21.79 6.90 37.02
CA ILE A 12 22.91 7.21 36.13
C ILE A 12 22.58 6.80 34.71
N ILE A 13 22.37 7.80 33.85
CA ILE A 13 22.05 7.59 32.46
C ILE A 13 23.34 7.47 31.64
N ILE A 14 23.56 6.33 31.01
CA ILE A 14 24.76 6.14 30.19
C ILE A 14 24.44 6.41 28.71
N GLY A 15 25.11 7.40 28.14
CA GLY A 15 24.88 7.74 26.74
C GLY A 15 24.08 9.01 26.60
N ALA A 16 24.51 9.91 25.72
CA ALA A 16 23.82 11.17 25.53
C ALA A 16 23.15 11.30 24.17
N GLY A 17 22.60 10.19 23.68
CA GLY A 17 21.87 10.23 22.42
C GLY A 17 20.49 10.77 22.75
N ILE A 18 19.52 10.62 21.84
CA ILE A 18 18.20 11.15 22.14
C ILE A 18 17.50 10.29 23.21
N ALA A 19 17.81 9.00 23.26
CA ALA A 19 17.20 8.15 24.27
C ALA A 19 17.61 8.68 25.65
N GLY A 20 18.92 8.80 25.86
CA GLY A 20 19.41 9.30 27.13
C GLY A 20 18.98 10.73 27.42
N LEU A 21 19.03 11.59 26.42
CA LEU A 21 18.62 12.97 26.63
C LEU A 21 17.14 13.04 27.01
N LYS A 22 16.32 12.14 26.49
CA LYS A 22 14.89 12.17 26.82
C LYS A 22 14.74 11.66 28.24
N ALA A 23 15.39 10.52 28.53
CA ALA A 23 15.33 9.97 29.88
C ALA A 23 15.72 11.02 30.91
N ALA A 24 16.69 11.87 30.56
CA ALA A 24 17.14 12.92 31.48
C ALA A 24 16.09 14.03 31.60
N SER A 25 15.64 14.53 30.47
CA SER A 25 14.63 15.58 30.43
C SER A 25 13.44 15.23 31.31
N THR A 26 13.04 13.96 31.26
CA THR A 26 11.92 13.45 32.03
C THR A 26 12.22 13.39 33.52
N LEU A 27 13.24 12.63 33.89
CA LEU A 27 13.62 12.50 35.31
C LEU A 27 13.55 13.85 35.98
N HIS A 28 14.01 14.90 35.29
CA HIS A 28 13.99 16.26 35.82
C HIS A 28 12.56 16.78 35.82
N GLN A 29 11.81 16.39 34.80
CA GLN A 29 10.43 16.81 34.67
C GLN A 29 9.64 16.33 35.87
N ASN A 30 10.11 15.23 36.46
CA ASN A 30 9.45 14.63 37.61
C ASN A 30 10.19 14.93 38.91
N GLY A 31 10.71 16.15 39.02
CA GLY A 31 11.41 16.55 40.22
C GLY A 31 12.58 15.70 40.71
N ILE A 32 12.86 14.57 40.05
CA ILE A 32 13.99 13.75 40.48
C ILE A 32 15.25 14.61 40.50
N GLN A 33 16.15 14.29 41.43
CA GLN A 33 17.38 15.05 41.59
C GLN A 33 18.61 14.16 41.47
N ASP A 34 19.78 14.79 41.53
CA ASP A 34 21.06 14.09 41.48
C ASP A 34 21.13 12.90 40.52
N CYS A 35 21.16 13.20 39.23
CA CYS A 35 21.25 12.16 38.22
C CYS A 35 22.32 12.62 37.21
N LEU A 36 22.98 11.66 36.57
CA LEU A 36 24.02 11.97 35.61
C LEU A 36 23.78 11.47 34.20
N VAL A 37 24.62 11.93 33.28
CA VAL A 37 24.57 11.55 31.88
C VAL A 37 26.02 11.40 31.43
N LEU A 38 26.47 10.16 31.32
CA LEU A 38 27.84 9.90 30.92
C LEU A 38 27.95 9.57 29.42
N GLU A 39 28.55 10.48 28.67
CA GLU A 39 28.72 10.35 27.22
C GLU A 39 30.18 10.19 26.80
N ALA A 40 30.50 9.10 26.10
CA ALA A 40 31.85 8.83 25.64
C ALA A 40 32.36 9.87 24.63
N ARG A 41 31.49 10.36 23.76
CA ARG A 41 31.91 11.36 22.78
C ARG A 41 32.03 12.69 23.48
N ASP A 42 32.60 13.68 22.79
CA ASP A 42 32.77 15.01 23.35
C ASP A 42 31.62 15.93 22.94
N ARG A 43 30.49 15.33 22.59
CA ARG A 43 29.29 16.04 22.15
C ARG A 43 28.07 15.18 22.46
N VAL A 44 26.89 15.79 22.52
CA VAL A 44 25.65 15.04 22.76
C VAL A 44 25.05 14.76 21.38
N GLY A 45 23.98 13.97 21.34
CA GLY A 45 23.33 13.70 20.07
C GLY A 45 23.44 12.29 19.52
N GLY A 46 24.52 11.60 19.86
CA GLY A 46 24.70 10.24 19.39
C GLY A 46 24.57 10.17 17.88
N ARG A 47 23.69 9.28 17.39
CA ARG A 47 23.51 9.14 15.96
C ARG A 47 22.71 10.30 15.33
N LEU A 48 22.49 11.34 16.11
CA LEU A 48 21.86 12.55 15.60
C LEU A 48 23.00 13.57 15.63
N GLN A 49 23.46 13.97 14.45
CA GLN A 49 24.54 14.97 14.35
C GLN A 49 24.38 15.82 13.10
N THR A 50 24.37 17.14 13.28
CA THR A 50 24.25 18.06 12.17
C THR A 50 25.65 18.66 11.96
N VAL A 51 26.14 18.63 10.74
CA VAL A 51 27.45 19.19 10.47
C VAL A 51 27.33 20.41 9.57
N THR A 52 28.45 21.11 9.38
CA THR A 52 28.45 22.31 8.55
C THR A 52 29.45 22.26 7.41
N GLY A 53 29.01 22.60 6.21
CA GLY A 53 29.90 22.59 5.07
C GLY A 53 30.06 23.93 4.34
N TYR A 54 30.17 23.84 3.03
CA TYR A 54 30.34 24.99 2.15
C TYR A 54 29.31 26.12 2.38
N GLN A 55 29.80 27.36 2.37
CA GLN A 55 28.94 28.54 2.58
C GLN A 55 28.02 28.44 3.81
N GLY A 56 28.45 27.65 4.79
CA GLY A 56 27.66 27.48 5.99
C GLY A 56 26.42 26.60 5.89
N ARG A 57 26.33 25.76 4.87
CA ARG A 57 25.16 24.88 4.74
C ARG A 57 25.21 23.82 5.84
N LYS A 58 24.04 23.44 6.35
CA LYS A 58 24.00 22.44 7.41
C LYS A 58 23.31 21.17 6.94
N TYR A 59 23.78 20.03 7.42
CA TYR A 59 23.21 18.76 7.06
C TYR A 59 23.23 17.79 8.22
N ASP A 60 22.25 16.90 8.26
CA ASP A 60 22.21 15.89 9.30
C ASP A 60 22.98 14.73 8.69
N ILE A 61 24.12 14.38 9.28
CA ILE A 61 24.92 13.28 8.75
C ILE A 61 24.39 11.98 9.37
N GLY A 62 23.62 12.14 10.44
CA GLY A 62 23.01 10.99 11.09
C GLY A 62 21.56 10.93 10.60
N ALA A 63 20.62 10.85 11.54
CA ALA A 63 19.19 10.81 11.22
C ALA A 63 18.74 12.07 10.49
N SER A 64 17.79 11.91 9.56
CA SER A 64 17.28 13.03 8.77
C SER A 64 15.78 13.27 8.79
N TRP A 65 15.00 12.21 8.94
CA TRP A 65 13.55 12.33 8.88
C TRP A 65 12.77 12.01 10.15
N HIS A 66 11.53 12.48 10.17
CA HIS A 66 10.57 12.16 11.22
C HIS A 66 9.78 11.12 10.42
N HIS A 67 9.84 9.86 10.82
CA HIS A 67 9.09 8.83 10.11
C HIS A 67 7.72 8.69 10.75
N ASP A 68 6.78 8.09 10.03
CA ASP A 68 5.44 7.85 10.55
C ASP A 68 4.82 9.08 11.19
N THR A 69 4.74 10.17 10.43
CA THR A 69 4.20 11.41 10.98
C THR A 69 2.78 11.33 11.49
N LEU A 70 2.06 10.27 11.13
CA LEU A 70 0.69 10.12 11.61
C LEU A 70 0.64 9.71 13.08
N THR A 71 1.66 9.00 13.55
CA THR A 71 1.70 8.50 14.93
C THR A 71 2.94 8.92 15.72
N ASN A 72 4.01 9.30 15.02
CA ASN A 72 5.27 9.71 15.63
C ASN A 72 5.02 10.84 16.64
N PRO A 73 5.05 10.50 17.95
CA PRO A 73 4.83 11.45 19.05
C PRO A 73 5.87 12.55 19.17
N LEU A 74 7.13 12.24 18.87
CA LEU A 74 8.17 13.24 18.95
C LEU A 74 7.90 14.29 17.88
N PHE A 75 7.50 13.84 16.68
CA PHE A 75 7.18 14.75 15.59
C PHE A 75 6.00 15.65 15.94
N LEU A 76 4.98 15.08 16.58
CA LEU A 76 3.79 15.82 16.94
C LEU A 76 4.09 16.90 17.97
N GLU A 77 5.08 16.65 18.82
CA GLU A 77 5.48 17.63 19.81
C GLU A 77 6.07 18.80 19.01
N GLU A 78 6.90 18.49 18.02
CA GLU A 78 7.52 19.49 17.16
C GLU A 78 6.50 20.31 16.37
N ALA A 79 5.46 19.63 15.89
CA ALA A 79 4.43 20.28 15.13
C ALA A 79 3.70 21.30 16.01
N GLN A 80 3.46 20.92 17.26
CA GLN A 80 2.79 21.82 18.19
C GLN A 80 3.64 23.04 18.45
N LEU A 81 4.94 22.85 18.59
CA LEU A 81 5.85 23.96 18.82
C LEU A 81 5.79 24.93 17.65
N SER A 82 5.73 24.37 16.45
CA SER A 82 5.70 25.19 15.24
C SER A 82 4.40 25.95 15.03
N LEU A 83 3.34 25.43 15.65
CA LEU A 83 2.03 26.05 15.54
C LEU A 83 2.04 27.29 16.42
N ASN A 84 2.68 27.18 17.58
CA ASN A 84 2.75 28.30 18.51
C ASN A 84 3.72 29.40 18.09
N ASP A 85 4.94 29.05 17.67
CA ASP A 85 5.92 30.08 17.29
C ASP A 85 6.19 30.29 15.81
N GLY A 86 5.49 29.57 14.93
CA GLY A 86 5.71 29.75 13.50
C GLY A 86 7.09 29.39 12.97
N ARG A 87 7.98 28.91 13.83
CA ARG A 87 9.31 28.54 13.39
C ARG A 87 9.34 27.23 12.60
N THR A 88 9.98 27.26 11.43
CA THR A 88 10.10 26.08 10.58
C THR A 88 11.06 25.09 11.22
N ARG A 89 10.57 23.89 11.50
CA ARG A 89 11.38 22.86 12.11
C ARG A 89 11.53 21.66 11.19
N PHE A 90 10.68 21.56 10.18
CA PHE A 90 10.72 20.44 9.26
C PHE A 90 9.95 20.76 7.99
N VAL A 91 10.09 19.90 6.98
CA VAL A 91 9.40 20.07 5.70
C VAL A 91 9.03 18.70 5.14
N PHE A 92 7.88 18.60 4.48
CA PHE A 92 7.41 17.34 3.91
C PHE A 92 7.98 17.17 2.50
N ASP A 93 9.04 16.38 2.41
CA ASP A 93 9.74 16.15 1.15
C ASP A 93 9.40 14.86 0.41
N ASP A 94 8.30 14.20 0.75
CA ASP A 94 7.98 12.99 0.01
C ASP A 94 7.75 13.47 -1.42
N ASP A 95 8.20 12.70 -2.40
CA ASP A 95 8.05 13.11 -3.80
C ASP A 95 7.90 11.87 -4.68
N ASN A 96 7.64 12.10 -5.97
CA ASN A 96 7.51 11.00 -6.92
C ASN A 96 8.93 10.60 -7.27
N PHE A 97 9.28 9.36 -6.99
CA PHE A 97 10.64 8.91 -7.27
C PHE A 97 11.04 8.83 -8.72
N ILE A 98 12.24 9.33 -9.00
CA ILE A 98 12.81 9.27 -10.33
C ILE A 98 13.80 8.10 -10.25
N TYR A 99 13.70 7.19 -11.19
CA TYR A 99 14.60 6.03 -11.22
C TYR A 99 15.47 6.12 -12.45
N ILE A 100 16.77 5.98 -12.26
CA ILE A 100 17.71 6.07 -13.37
C ILE A 100 18.56 4.84 -13.57
N ASP A 101 18.62 4.41 -14.83
CA ASP A 101 19.43 3.26 -15.20
C ASP A 101 20.59 3.77 -16.04
N GLU A 102 21.79 3.26 -15.82
CA GLU A 102 22.96 3.73 -16.58
C GLU A 102 22.74 3.76 -18.10
N GLU A 103 22.35 2.62 -18.66
CA GLU A 103 22.13 2.53 -20.09
C GLU A 103 20.84 3.22 -20.57
N ARG A 104 19.69 2.76 -20.09
CA ARG A 104 18.40 3.32 -20.49
C ARG A 104 18.11 4.75 -20.03
N GLY A 105 18.48 5.07 -18.80
CA GLY A 105 18.19 6.39 -18.28
C GLY A 105 17.00 6.29 -17.34
N ARG A 106 16.09 7.24 -17.41
CA ARG A 106 14.90 7.25 -16.56
C ARG A 106 13.90 6.14 -16.87
N VAL A 107 13.65 5.29 -15.88
CA VAL A 107 12.73 4.17 -16.03
C VAL A 107 11.50 4.31 -15.13
N ASP A 108 11.27 5.52 -14.61
CA ASP A 108 10.16 5.77 -13.70
C ASP A 108 8.92 6.27 -14.42
N HIS A 109 7.75 5.86 -13.94
CA HIS A 109 6.49 6.31 -14.53
C HIS A 109 6.50 5.99 -16.02
N ASP A 110 7.04 4.83 -16.37
CA ASP A 110 7.16 4.40 -17.75
C ASP A 110 5.85 3.85 -18.29
N LYS A 111 5.37 4.41 -19.40
CA LYS A 111 4.11 3.98 -19.98
C LYS A 111 4.13 2.52 -20.42
N GLU A 112 5.32 1.95 -20.60
CA GLU A 112 5.42 0.55 -21.01
C GLU A 112 6.05 -0.38 -19.97
N LEU A 113 6.92 0.16 -19.13
CA LEU A 113 7.56 -0.66 -18.10
C LEU A 113 6.68 -0.79 -16.87
N LEU A 114 5.97 0.29 -16.54
CA LEU A 114 5.07 0.31 -15.40
C LEU A 114 5.65 -0.41 -14.19
N LEU A 115 6.88 -0.05 -13.84
CA LEU A 115 7.59 -0.67 -12.74
C LEU A 115 6.95 -0.44 -11.36
N GLU A 116 6.35 0.73 -11.18
CA GLU A 116 5.68 1.05 -9.92
C GLU A 116 4.54 0.08 -9.62
N ILE A 117 3.81 -0.37 -10.64
CA ILE A 117 2.71 -1.30 -10.42
C ILE A 117 3.19 -2.71 -10.02
N VAL A 118 4.18 -3.23 -10.74
CA VAL A 118 4.68 -4.56 -10.40
C VAL A 118 5.37 -4.50 -9.06
N ASP A 119 6.17 -3.46 -8.82
CA ASP A 119 6.82 -3.36 -7.53
C ASP A 119 5.71 -3.46 -6.48
N ASN A 120 4.62 -2.74 -6.72
CA ASN A 120 3.52 -2.79 -5.79
C ASN A 120 3.04 -4.23 -5.63
N GLU A 121 2.86 -4.95 -6.74
CA GLU A 121 2.42 -6.34 -6.66
C GLU A 121 3.45 -7.15 -5.89
N MET A 122 4.72 -6.94 -6.27
CA MET A 122 5.83 -7.61 -5.63
C MET A 122 5.60 -7.50 -4.12
N SER A 123 5.19 -6.32 -3.68
CA SER A 123 4.94 -6.06 -2.26
C SER A 123 3.82 -6.94 -1.64
N LYS A 124 2.71 -7.07 -2.35
CA LYS A 124 1.58 -7.87 -1.86
C LYS A 124 1.95 -9.36 -1.85
N PHE A 125 2.74 -9.76 -2.84
CA PHE A 125 3.19 -11.14 -2.96
C PHE A 125 3.96 -11.49 -1.69
N ALA A 126 4.89 -10.63 -1.30
CA ALA A 126 5.69 -10.84 -0.12
C ALA A 126 4.83 -10.93 1.13
N GLU A 127 3.84 -10.06 1.22
CA GLU A 127 2.93 -10.05 2.36
C GLU A 127 2.18 -11.39 2.46
N LEU A 128 1.75 -11.90 1.32
CA LEU A 128 1.03 -13.17 1.23
C LEU A 128 1.90 -14.37 1.58
N GLU A 129 3.17 -14.31 1.19
CA GLU A 129 4.09 -15.40 1.47
C GLU A 129 4.34 -15.61 2.96
N PHE A 130 4.30 -14.54 3.75
CA PHE A 130 4.53 -14.69 5.18
C PHE A 130 3.28 -14.53 6.04
N HIS A 131 2.19 -14.05 5.45
CA HIS A 131 0.93 -13.88 6.18
C HIS A 131 0.43 -15.19 6.76
N GLN A 132 0.19 -15.22 8.07
CA GLN A 132 -0.30 -16.41 8.71
C GLN A 132 0.40 -17.66 8.20
N HIS A 133 1.64 -17.85 8.64
CA HIS A 133 2.45 -19.01 8.25
C HIS A 133 3.53 -19.23 9.31
N LEU A 134 3.76 -18.20 10.13
CA LEU A 134 4.79 -18.21 11.17
C LEU A 134 6.16 -18.05 10.55
N GLY A 135 6.19 -17.57 9.31
CA GLY A 135 7.43 -17.38 8.60
C GLY A 135 7.99 -18.67 8.03
N VAL A 136 7.15 -19.42 7.30
CA VAL A 136 7.55 -20.69 6.70
C VAL A 136 8.91 -20.57 6.00
N SER A 137 9.97 -20.66 6.81
CA SER A 137 11.35 -20.55 6.36
C SER A 137 11.64 -19.17 5.77
N ASP A 138 12.45 -18.41 6.50
CA ASP A 138 12.82 -17.07 6.08
C ASP A 138 14.02 -17.12 5.13
N CYS A 139 13.94 -16.36 4.04
CA CYS A 139 15.04 -16.31 3.08
C CYS A 139 15.57 -14.88 3.04
N SER A 140 16.28 -14.54 1.97
CA SER A 140 16.83 -13.19 1.84
C SER A 140 15.89 -12.41 0.92
N PHE A 141 15.87 -11.08 1.08
CA PHE A 141 15.01 -10.28 0.23
C PHE A 141 15.31 -10.68 -1.21
N PHE A 142 16.59 -10.90 -1.50
CA PHE A 142 17.02 -11.29 -2.84
C PHE A 142 16.33 -12.59 -3.29
N GLN A 143 16.36 -13.62 -2.46
CA GLN A 143 15.73 -14.88 -2.81
C GLN A 143 14.23 -14.67 -3.05
N LEU A 144 13.58 -14.00 -2.09
CA LEU A 144 12.15 -13.73 -2.20
C LEU A 144 11.79 -13.07 -3.52
N VAL A 145 12.59 -12.09 -3.92
CA VAL A 145 12.34 -11.40 -5.17
C VAL A 145 12.43 -12.39 -6.32
N MET A 146 13.38 -13.33 -6.23
CA MET A 146 13.54 -14.33 -7.30
C MET A 146 12.31 -15.22 -7.38
N LYS A 147 11.86 -15.72 -6.23
CA LYS A 147 10.68 -16.57 -6.21
C LYS A 147 9.54 -15.90 -6.97
N TYR A 148 9.30 -14.63 -6.68
CA TYR A 148 8.25 -13.84 -7.32
C TYR A 148 8.42 -13.76 -8.83
N LEU A 149 9.64 -13.44 -9.26
CA LEU A 149 9.92 -13.32 -10.68
C LEU A 149 9.62 -14.62 -11.41
N LEU A 150 9.93 -15.72 -10.74
CA LEU A 150 9.71 -17.05 -11.30
C LEU A 150 8.22 -17.35 -11.35
N GLN A 151 7.57 -17.17 -10.22
CA GLN A 151 6.16 -17.46 -10.11
C GLN A 151 5.21 -16.59 -10.94
N ARG A 152 5.66 -15.43 -11.40
CA ARG A 152 4.78 -14.55 -12.16
C ARG A 152 5.29 -14.14 -13.53
N ARG A 153 6.39 -14.76 -13.96
CA ARG A 153 6.99 -14.45 -15.25
C ARG A 153 5.97 -14.50 -16.39
N GLN A 154 5.00 -15.41 -16.28
CA GLN A 154 3.99 -15.54 -17.32
C GLN A 154 3.23 -14.22 -17.47
N PHE A 155 3.25 -13.42 -16.41
CA PHE A 155 2.53 -12.14 -16.39
C PHE A 155 3.46 -10.92 -16.35
N LEU A 156 4.71 -11.13 -16.69
CA LEU A 156 5.70 -10.07 -16.71
C LEU A 156 6.38 -10.03 -18.07
N THR A 157 6.67 -8.82 -18.56
CA THR A 157 7.35 -8.68 -19.83
C THR A 157 8.84 -8.92 -19.59
N ASN A 158 9.65 -8.77 -20.62
CA ASN A 158 11.09 -8.97 -20.47
C ASN A 158 11.72 -7.84 -19.68
N ASP A 159 11.41 -6.62 -20.08
CA ASP A 159 11.95 -5.45 -19.40
C ASP A 159 11.55 -5.35 -17.92
N GLN A 160 10.45 -5.98 -17.55
CA GLN A 160 10.02 -5.93 -16.16
C GLN A 160 10.84 -6.90 -15.31
N ILE A 161 11.11 -8.08 -15.86
CA ILE A 161 11.91 -9.06 -15.13
C ILE A 161 13.35 -8.54 -14.94
N ARG A 162 13.79 -7.70 -15.85
CA ARG A 162 15.14 -7.16 -15.80
C ARG A 162 15.31 -6.00 -14.84
N TYR A 163 14.41 -5.02 -14.94
CA TYR A 163 14.51 -3.84 -14.09
C TYR A 163 13.81 -3.88 -12.73
N LEU A 164 12.62 -4.46 -12.64
CA LEU A 164 11.88 -4.51 -11.37
C LEU A 164 12.78 -4.86 -10.18
N PRO A 165 13.49 -6.00 -10.26
CA PRO A 165 14.36 -6.37 -9.14
C PRO A 165 15.38 -5.27 -8.76
N GLN A 166 15.86 -4.51 -9.74
CA GLN A 166 16.81 -3.44 -9.44
C GLN A 166 16.10 -2.26 -8.77
N LEU A 167 14.93 -1.90 -9.30
CA LEU A 167 14.15 -0.81 -8.72
C LEU A 167 13.72 -1.16 -7.29
N CYS A 168 13.28 -2.40 -7.10
CA CYS A 168 12.79 -2.82 -5.80
C CYS A 168 13.84 -2.86 -4.72
N ARG A 169 15.09 -2.62 -5.09
CA ARG A 169 16.17 -2.64 -4.12
C ARG A 169 16.32 -1.33 -3.34
N TYR A 170 15.54 -0.32 -3.71
CA TYR A 170 15.58 0.97 -3.01
C TYR A 170 15.35 0.71 -1.54
N LEU A 171 14.72 -0.43 -1.24
CA LEU A 171 14.45 -0.81 0.14
C LEU A 171 15.75 -1.09 0.91
N GLU A 172 16.86 -1.26 0.19
CA GLU A 172 18.17 -1.49 0.83
C GLU A 172 18.55 -0.22 1.60
N LEU A 173 18.13 0.93 1.09
CA LEU A 173 18.43 2.18 1.77
C LEU A 173 17.52 2.44 2.98
N TRP A 174 16.59 1.53 3.28
CA TRP A 174 15.74 1.71 4.46
C TRP A 174 16.30 0.89 5.62
N HIS A 175 17.08 -0.13 5.29
CA HIS A 175 17.71 -1.01 6.29
C HIS A 175 19.21 -0.82 6.36
N GLY A 176 19.80 -0.31 5.28
CA GLY A 176 21.24 -0.11 5.25
C GLY A 176 21.92 -1.46 5.05
N LEU A 177 21.21 -2.33 4.34
CA LEU A 177 21.67 -3.68 4.07
C LEU A 177 21.36 -4.11 2.63
N ASP A 178 22.31 -4.79 1.98
CA ASP A 178 22.18 -5.29 0.61
C ASP A 178 21.13 -6.42 0.61
N TRP A 179 20.43 -6.60 -0.51
CA TRP A 179 19.36 -7.62 -0.56
C TRP A 179 19.72 -9.08 -0.31
N LYS A 180 21.00 -9.41 -0.30
CA LYS A 180 21.39 -10.79 -0.05
C LYS A 180 21.69 -10.98 1.44
N LEU A 181 21.81 -9.87 2.16
CA LEU A 181 22.12 -9.94 3.59
C LEU A 181 20.88 -9.67 4.43
N LEU A 182 19.89 -9.01 3.83
CA LEU A 182 18.65 -8.64 4.53
C LEU A 182 17.60 -9.73 4.59
N SER A 183 16.88 -9.76 5.70
CA SER A 183 15.79 -10.70 5.93
C SER A 183 14.56 -10.38 5.08
N ALA A 184 13.98 -11.39 4.45
CA ALA A 184 12.80 -11.18 3.62
C ALA A 184 11.61 -10.85 4.51
N LYS A 185 11.52 -11.55 5.64
CA LYS A 185 10.42 -11.36 6.57
C LYS A 185 10.30 -9.96 7.19
N ASP A 186 11.40 -9.21 7.20
CA ASP A 186 11.38 -7.86 7.79
C ASP A 186 11.46 -6.77 6.73
N THR A 187 11.95 -7.12 5.55
CA THR A 187 12.08 -6.17 4.45
C THR A 187 10.94 -5.17 4.42
N TYR A 188 9.73 -5.66 4.20
CA TYR A 188 8.56 -4.78 4.15
C TYR A 188 8.02 -4.49 5.53
N PHE A 189 7.75 -3.22 5.80
CA PHE A 189 7.20 -2.85 7.08
C PHE A 189 6.25 -1.66 6.94
N GLY A 190 5.58 -1.31 8.04
CA GLY A 190 4.63 -0.22 8.03
C GLY A 190 5.23 1.16 7.91
N HIS A 191 4.63 1.95 7.04
CA HIS A 191 5.00 3.33 6.75
C HIS A 191 3.74 4.09 7.23
N GLN A 192 3.75 4.59 8.46
CA GLN A 192 2.60 5.29 9.06
C GLN A 192 2.36 6.73 8.59
N GLY A 193 2.32 6.95 7.27
CA GLY A 193 2.12 8.28 6.76
C GLY A 193 3.38 8.82 6.13
N ARG A 194 3.35 10.09 5.72
CA ARG A 194 4.51 10.71 5.10
C ARG A 194 5.68 10.93 6.04
N ASN A 195 6.80 11.35 5.46
CA ASN A 195 8.01 11.63 6.23
C ASN A 195 8.25 13.13 6.22
N ALA A 196 8.82 13.64 7.29
CA ALA A 196 9.12 15.06 7.37
C ALA A 196 10.65 15.22 7.53
N PHE A 197 11.28 15.86 6.56
CA PHE A 197 12.72 16.06 6.61
C PHE A 197 12.98 17.05 7.74
N ALA A 198 13.70 16.62 8.79
CA ALA A 198 13.97 17.53 9.90
C ALA A 198 14.91 18.62 9.44
N LEU A 199 14.53 19.87 9.69
CA LEU A 199 15.38 20.99 9.30
C LEU A 199 16.15 21.39 10.53
N ASN A 200 17.00 20.45 10.92
CA ASN A 200 17.85 20.61 12.06
C ASN A 200 17.42 19.64 13.14
N TYR A 201 17.89 18.40 13.07
CA TYR A 201 17.56 17.46 14.14
C TYR A 201 18.34 17.99 15.35
N ASP A 202 19.35 18.81 15.09
CA ASP A 202 20.17 19.39 16.15
C ASP A 202 19.33 20.35 17.02
N SER A 203 18.20 20.79 16.49
CA SER A 203 17.31 21.66 17.24
C SER A 203 16.58 20.77 18.25
N VAL A 204 16.21 19.57 17.81
CA VAL A 204 15.52 18.64 18.68
C VAL A 204 16.47 18.23 19.78
N VAL A 205 17.68 17.86 19.38
CA VAL A 205 18.72 17.46 20.33
C VAL A 205 19.01 18.62 21.27
N GLN A 206 19.11 19.81 20.70
CA GLN A 206 19.39 21.02 21.46
C GLN A 206 18.30 21.29 22.51
N ARG A 207 17.04 21.31 22.08
CA ARG A 207 15.91 21.56 22.99
C ARG A 207 15.88 20.61 24.18
N ILE A 208 16.03 19.32 23.92
CA ILE A 208 15.98 18.33 24.99
C ILE A 208 17.18 18.41 25.95
N ALA A 209 18.37 18.68 25.44
CA ALA A 209 19.55 18.76 26.28
C ALA A 209 19.45 19.96 27.22
N GLN A 210 18.67 20.96 26.83
CA GLN A 210 18.51 22.17 27.62
C GLN A 210 17.26 22.15 28.48
N SER A 211 16.79 20.95 28.79
CA SER A 211 15.58 20.80 29.60
C SER A 211 15.89 20.18 30.97
N PHE A 212 17.14 20.29 31.39
CA PHE A 212 17.58 19.75 32.66
C PHE A 212 18.94 20.38 33.01
N PRO A 213 19.34 20.32 34.30
CA PRO A 213 20.61 20.88 34.77
C PRO A 213 21.83 20.49 33.93
N GLN A 214 22.45 21.49 33.30
CA GLN A 214 23.63 21.25 32.46
C GLN A 214 24.73 20.51 33.21
N ASN A 215 24.79 20.72 34.52
CA ASN A 215 25.80 20.08 35.37
C ASN A 215 25.59 18.58 35.54
N TRP A 216 24.69 18.01 34.73
CA TRP A 216 24.42 16.58 34.78
C TRP A 216 25.26 15.88 33.73
N LEU A 217 25.56 16.62 32.67
CA LEU A 217 26.32 16.11 31.54
C LEU A 217 27.84 15.94 31.77
N LYS A 218 28.32 14.73 31.51
CA LYS A 218 29.73 14.40 31.64
C LYS A 218 30.19 13.82 30.30
N LEU A 219 30.73 14.69 29.46
CA LEU A 219 31.22 14.28 28.14
C LEU A 219 32.58 13.59 28.26
N SER A 220 32.90 12.77 27.27
CA SER A 220 34.16 12.05 27.25
C SER A 220 34.27 11.08 28.44
N CYS A 221 33.17 10.44 28.82
CA CYS A 221 33.18 9.47 29.91
C CYS A 221 32.94 8.08 29.34
N GLU A 222 34.00 7.36 29.02
CA GLU A 222 33.81 6.00 28.51
C GLU A 222 33.51 5.15 29.73
N VAL A 223 32.35 4.50 29.73
CA VAL A 223 31.98 3.64 30.84
C VAL A 223 32.51 2.25 30.54
N LYS A 224 33.39 1.76 31.40
CA LYS A 224 34.02 0.46 31.20
C LYS A 224 33.36 -0.73 31.88
N SER A 225 32.76 -0.51 33.05
CA SER A 225 32.12 -1.62 33.76
C SER A 225 30.92 -1.20 34.62
N ILE A 226 29.89 -2.04 34.61
CA ILE A 226 28.69 -1.78 35.41
C ILE A 226 28.52 -2.91 36.43
N THR A 227 28.51 -2.54 37.70
CA THR A 227 28.39 -3.50 38.79
C THR A 227 27.11 -3.38 39.60
N ARG A 228 26.43 -4.52 39.78
CA ARG A 228 25.19 -4.53 40.53
C ARG A 228 25.32 -5.27 41.84
N GLU A 229 25.88 -4.62 42.86
CA GLU A 229 26.02 -5.25 44.15
C GLU A 229 24.65 -5.46 44.77
N PRO A 230 24.25 -6.71 45.05
CA PRO A 230 22.93 -6.98 45.65
C PRO A 230 22.58 -6.03 46.80
N SER A 231 23.62 -5.41 47.37
CA SER A 231 23.46 -4.47 48.47
C SER A 231 22.30 -3.50 48.26
N LYS A 232 22.15 -3.01 47.04
CA LYS A 232 21.08 -2.08 46.75
C LYS A 232 21.56 -0.86 45.99
N ASN A 233 22.85 -0.86 45.64
CA ASN A 233 23.44 0.24 44.91
C ASN A 233 24.05 -0.31 43.62
N VAL A 234 24.46 0.59 42.74
CA VAL A 234 25.09 0.19 41.48
C VAL A 234 26.38 0.97 41.27
N THR A 235 27.48 0.23 41.16
CA THR A 235 28.81 0.80 40.95
C THR A 235 29.09 1.03 39.47
N VAL A 236 29.41 2.27 39.13
CA VAL A 236 29.72 2.64 37.75
C VAL A 236 31.05 3.38 37.70
N ASN A 237 31.98 2.89 36.88
CA ASN A 237 33.30 3.52 36.78
C ASN A 237 33.59 3.99 35.35
N CYS A 238 33.74 5.30 35.15
CA CYS A 238 34.07 5.79 33.81
C CYS A 238 35.50 5.30 33.54
N GLU A 239 36.04 5.68 32.40
CA GLU A 239 37.37 5.27 32.00
C GLU A 239 38.50 5.91 32.81
N ASP A 240 38.34 7.18 33.15
CA ASP A 240 39.38 7.90 33.89
C ASP A 240 39.55 7.42 35.32
N GLY A 241 38.92 6.31 35.65
CA GLY A 241 39.04 5.77 37.00
C GLY A 241 38.03 6.29 38.00
N THR A 242 37.26 7.29 37.61
CA THR A 242 36.25 7.85 38.52
C THR A 242 35.18 6.80 38.73
N VAL A 243 34.43 6.93 39.83
CA VAL A 243 33.38 5.98 40.14
C VAL A 243 32.17 6.69 40.75
N TYR A 244 30.98 6.27 40.33
CA TYR A 244 29.74 6.84 40.83
C TYR A 244 28.84 5.72 41.34
N ASN A 245 28.15 5.97 42.45
CA ASN A 245 27.25 4.98 43.04
C ASN A 245 25.81 5.42 42.77
N ALA A 246 25.00 4.52 42.24
CA ALA A 246 23.61 4.87 41.95
C ALA A 246 22.64 3.71 42.17
N ASP A 247 21.39 4.06 42.41
CA ASP A 247 20.35 3.06 42.63
C ASP A 247 19.92 2.48 41.29
N TYR A 248 19.51 3.35 40.38
CA TYR A 248 19.06 2.93 39.05
C TYR A 248 19.97 3.39 37.91
N VAL A 249 20.14 2.50 36.92
CA VAL A 249 20.99 2.75 35.77
C VAL A 249 20.29 2.53 34.42
N ILE A 250 20.33 3.54 33.55
CA ILE A 250 19.72 3.44 32.22
C ILE A 250 20.78 3.42 31.12
N ILE A 251 21.06 2.24 30.61
CA ILE A 251 22.06 2.05 29.56
C ILE A 251 21.48 2.29 28.14
N THR A 252 21.89 3.37 27.49
CA THR A 252 21.38 3.65 26.15
C THR A 252 22.40 3.46 25.02
N VAL A 253 23.49 2.75 25.28
CA VAL A 253 24.48 2.52 24.24
C VAL A 253 23.83 1.72 23.12
N PRO A 254 24.38 1.81 21.90
CA PRO A 254 23.82 1.07 20.78
C PRO A 254 24.03 -0.44 20.82
N GLN A 255 23.05 -1.16 20.29
CA GLN A 255 23.07 -2.60 20.25
C GLN A 255 24.45 -3.17 19.84
N SER A 256 25.01 -2.62 18.77
CA SER A 256 26.32 -3.08 18.28
C SER A 256 27.37 -2.98 19.37
N VAL A 257 27.31 -1.91 20.16
CA VAL A 257 28.26 -1.71 21.25
C VAL A 257 27.98 -2.68 22.39
N LEU A 258 26.74 -2.71 22.85
CA LEU A 258 26.31 -3.60 23.94
C LEU A 258 26.70 -5.04 23.61
N ASN A 259 26.60 -5.40 22.34
CA ASN A 259 26.93 -6.75 21.91
C ASN A 259 28.41 -7.09 22.08
N LEU A 260 29.13 -6.30 22.86
CA LEU A 260 30.55 -6.58 23.08
C LEU A 260 30.69 -7.19 24.47
N SER A 261 29.75 -6.84 25.34
CA SER A 261 29.74 -7.34 26.71
C SER A 261 29.62 -8.86 26.74
N VAL A 262 29.33 -9.46 25.59
CA VAL A 262 29.17 -10.92 25.49
C VAL A 262 30.23 -11.56 24.60
N GLN A 263 31.47 -11.11 24.75
CA GLN A 263 32.56 -11.66 23.96
C GLN A 263 33.90 -11.47 24.65
N PRO A 264 34.96 -11.99 24.04
CA PRO A 264 36.29 -11.87 24.61
C PRO A 264 37.06 -10.66 24.09
N GLU A 265 37.90 -10.08 24.94
CA GLU A 265 38.67 -8.91 24.55
C GLU A 265 37.99 -7.69 25.14
N LYS A 266 38.08 -7.54 26.45
CA LYS A 266 37.46 -6.42 27.13
C LYS A 266 38.16 -5.08 26.92
N ASN A 267 39.16 -5.07 26.04
CA ASN A 267 39.90 -3.85 25.76
C ASN A 267 39.31 -3.13 24.55
N LEU A 268 38.21 -3.67 24.02
CA LEU A 268 37.54 -3.06 22.87
C LEU A 268 37.00 -1.71 23.30
N ARG A 269 37.07 -0.73 22.40
CA ARG A 269 36.60 0.62 22.67
C ARG A 269 35.07 0.70 22.81
N GLY A 270 34.63 1.11 24.00
CA GLY A 270 33.20 1.22 24.26
C GLY A 270 32.64 0.10 25.12
N ARG A 271 33.12 -1.12 24.89
CA ARG A 271 32.66 -2.31 25.63
C ARG A 271 32.45 -2.08 27.12
N ILE A 272 31.34 -2.58 27.64
CA ILE A 272 31.05 -2.43 29.06
C ILE A 272 31.02 -3.78 29.74
N GLU A 273 31.81 -3.91 30.81
CA GLU A 273 31.89 -5.14 31.58
C GLU A 273 30.75 -5.15 32.60
N PHE A 274 29.91 -6.18 32.51
CA PHE A 274 28.78 -6.32 33.42
C PHE A 274 29.06 -7.30 34.54
N GLN A 275 28.62 -6.94 35.74
CA GLN A 275 28.79 -7.78 36.91
C GLN A 275 27.56 -7.69 37.80
N PRO A 276 26.75 -8.76 37.83
CA PRO A 276 26.90 -10.03 37.10
C PRO A 276 26.66 -9.93 35.59
N PRO A 277 27.06 -10.98 34.84
CA PRO A 277 26.91 -11.05 33.38
C PRO A 277 25.46 -11.15 32.90
N LEU A 278 25.17 -10.44 31.81
CA LEU A 278 23.82 -10.41 31.23
C LEU A 278 23.23 -11.79 31.07
N LYS A 279 22.09 -12.01 31.71
CA LYS A 279 21.38 -13.29 31.65
C LYS A 279 21.20 -13.80 30.22
N PRO A 280 21.13 -15.14 30.05
CA PRO A 280 20.96 -15.76 28.73
C PRO A 280 19.92 -15.13 27.82
N VAL A 281 18.82 -14.65 28.40
CA VAL A 281 17.77 -14.02 27.61
C VAL A 281 18.36 -12.93 26.71
N ILE A 282 19.10 -12.01 27.33
CA ILE A 282 19.73 -10.91 26.62
C ILE A 282 20.79 -11.40 25.65
N GLN A 283 21.68 -12.27 26.13
CA GLN A 283 22.76 -12.81 25.30
C GLN A 283 22.27 -13.63 24.12
N ASP A 284 21.09 -14.23 24.25
CA ASP A 284 20.54 -15.01 23.14
C ASP A 284 19.91 -14.03 22.16
N ALA A 285 19.37 -12.94 22.69
CA ALA A 285 18.76 -11.93 21.85
C ALA A 285 19.72 -11.47 20.76
N PHE A 286 21.00 -11.43 21.07
CA PHE A 286 22.01 -11.00 20.11
C PHE A 286 22.18 -11.96 18.96
N ASP A 287 21.88 -13.24 19.18
CA ASP A 287 22.00 -14.22 18.12
C ASP A 287 20.82 -13.97 17.17
N LYS A 288 19.83 -13.23 17.66
CA LYS A 288 18.65 -12.90 16.87
C LYS A 288 18.93 -11.81 15.83
N ILE A 289 20.22 -11.50 15.67
CA ILE A 289 20.68 -10.50 14.69
C ILE A 289 20.48 -9.03 14.99
N HIS A 290 21.15 -8.19 14.21
CA HIS A 290 21.04 -6.76 14.38
C HIS A 290 22.04 -5.94 13.58
N PHE A 291 22.05 -4.63 13.85
CA PHE A 291 22.93 -3.62 13.24
C PHE A 291 23.18 -3.60 11.72
N GLY A 292 22.63 -2.58 11.06
CA GLY A 292 22.83 -2.41 9.63
C GLY A 292 23.87 -1.32 9.45
N ALA A 293 24.15 -0.93 8.21
CA ALA A 293 25.15 0.12 8.01
C ALA A 293 24.77 1.19 6.99
N LEU A 294 23.70 1.92 7.29
CA LEU A 294 23.27 3.00 6.38
C LEU A 294 24.34 4.09 6.46
N GLY A 295 24.75 4.60 5.31
CA GLY A 295 25.77 5.64 5.26
C GLY A 295 25.35 6.82 4.40
N LYS A 296 26.07 7.93 4.51
CA LYS A 296 25.75 9.12 3.73
C LYS A 296 26.94 9.88 3.15
N VAL A 297 26.73 10.42 1.96
CA VAL A 297 27.71 11.23 1.27
C VAL A 297 26.95 12.48 0.83
N ILE A 298 27.40 13.65 1.26
CA ILE A 298 26.77 14.92 0.89
C ILE A 298 27.58 15.53 -0.25
N PHE A 299 26.92 15.93 -1.33
CA PHE A 299 27.61 16.57 -2.45
C PHE A 299 27.20 18.02 -2.55
N GLU A 300 28.12 18.93 -2.22
CA GLU A 300 27.86 20.36 -2.25
C GLU A 300 28.25 21.09 -3.52
N PHE A 301 27.26 21.57 -4.28
CA PHE A 301 27.56 22.30 -5.50
C PHE A 301 27.54 23.83 -5.29
N GLU A 302 28.16 24.58 -6.20
CA GLU A 302 28.20 26.04 -6.08
C GLU A 302 26.78 26.58 -6.07
N GLU A 303 26.01 26.17 -7.05
CA GLU A 303 24.62 26.59 -7.18
C GLU A 303 23.85 25.55 -8.01
N CYS A 304 22.53 25.59 -7.90
CA CYS A 304 21.69 24.67 -8.65
C CYS A 304 21.70 25.04 -10.13
N CYS A 305 22.04 24.09 -10.97
CA CYS A 305 22.04 24.32 -12.41
C CYS A 305 21.48 23.06 -13.05
N TRP A 306 20.51 22.46 -12.36
CA TRP A 306 19.83 21.25 -12.80
C TRP A 306 18.33 21.37 -12.52
N SER A 307 17.52 20.60 -13.24
CA SER A 307 16.08 20.62 -13.07
C SER A 307 15.62 20.03 -11.75
N ASN A 308 14.74 20.77 -11.06
CA ASN A 308 14.20 20.33 -9.78
C ASN A 308 12.83 19.69 -9.96
N GLU A 309 12.78 18.64 -10.78
CA GLU A 309 11.52 17.95 -11.03
C GLU A 309 11.07 17.15 -9.83
N SER A 310 12.03 16.55 -9.13
CA SER A 310 11.75 15.74 -7.94
C SER A 310 12.88 15.88 -6.94
N SER A 311 12.61 15.57 -5.67
CA SER A 311 13.65 15.65 -4.64
C SER A 311 14.10 14.24 -4.28
N LYS A 312 13.56 13.25 -4.98
CA LYS A 312 13.91 11.86 -4.74
C LYS A 312 14.39 11.18 -6.01
N ILE A 313 15.67 10.81 -6.03
CA ILE A 313 16.27 10.17 -7.17
C ILE A 313 17.02 8.90 -6.74
N VAL A 314 16.80 7.82 -7.47
CA VAL A 314 17.45 6.54 -7.18
C VAL A 314 18.13 6.02 -8.43
N THR A 315 19.41 5.67 -8.33
CA THR A 315 20.11 5.10 -9.48
C THR A 315 20.04 3.59 -9.32
N LEU A 316 19.74 2.89 -10.40
CA LEU A 316 19.65 1.43 -10.37
C LEU A 316 20.97 0.74 -10.67
N ALA A 317 21.24 -0.37 -10.00
CA ALA A 317 22.46 -1.14 -10.24
C ALA A 317 22.31 -1.77 -11.61
N ASN A 318 23.41 -1.91 -12.35
CA ASN A 318 23.37 -2.50 -13.69
C ASN A 318 22.66 -3.87 -13.71
N SER A 319 21.95 -4.14 -14.81
CA SER A 319 21.22 -5.40 -15.00
C SER A 319 21.59 -6.04 -16.35
N THR A 320 21.10 -7.26 -16.61
CA THR A 320 21.42 -7.93 -17.87
C THR A 320 20.27 -8.70 -18.52
N ASN A 321 20.20 -8.64 -19.84
CA ASN A 321 19.18 -9.38 -20.57
C ASN A 321 19.47 -10.86 -20.38
N GLU A 322 20.70 -11.15 -19.97
CA GLU A 322 21.13 -12.53 -19.70
C GLU A 322 20.38 -13.00 -18.45
N PHE A 323 19.90 -12.04 -17.66
CA PHE A 323 19.16 -12.38 -16.46
C PHE A 323 17.76 -12.78 -16.87
N VAL A 324 17.17 -12.01 -17.78
CA VAL A 324 15.82 -12.30 -18.26
C VAL A 324 15.79 -13.75 -18.72
N GLU A 325 16.69 -14.07 -19.64
CA GLU A 325 16.80 -15.41 -20.21
C GLU A 325 16.86 -16.50 -19.15
N ILE A 326 17.59 -16.25 -18.07
CA ILE A 326 17.70 -17.28 -17.03
C ILE A 326 16.41 -17.47 -16.26
N VAL A 327 15.57 -16.43 -16.23
CA VAL A 327 14.31 -16.53 -15.51
C VAL A 327 13.35 -17.29 -16.43
N ARG A 328 13.34 -16.92 -17.70
CA ARG A 328 12.48 -17.54 -18.70
C ARG A 328 12.73 -19.04 -18.89
N ASN A 329 13.93 -19.51 -18.56
CA ASN A 329 14.28 -20.92 -18.75
C ASN A 329 14.36 -21.80 -17.51
N ALA A 330 14.51 -21.21 -16.33
CA ALA A 330 14.58 -22.00 -15.11
C ALA A 330 13.29 -22.83 -14.95
N GLU A 331 13.43 -24.07 -14.46
CA GLU A 331 12.28 -24.94 -14.27
C GLU A 331 11.84 -25.03 -12.81
N ASN A 332 12.65 -24.46 -11.91
CA ASN A 332 12.32 -24.45 -10.49
C ASN A 332 13.27 -23.56 -9.68
N LEU A 333 12.95 -23.33 -8.41
CA LEU A 333 13.79 -22.50 -7.55
C LEU A 333 15.23 -23.02 -7.47
N ASP A 334 15.37 -24.35 -7.50
CA ASP A 334 16.68 -24.99 -7.43
C ASP A 334 17.47 -24.83 -8.72
N GLU A 335 16.83 -25.05 -9.85
CA GLU A 335 17.49 -24.90 -11.14
C GLU A 335 17.85 -23.43 -11.37
N LEU A 336 17.01 -22.54 -10.83
CA LEU A 336 17.24 -21.10 -10.94
C LEU A 336 18.29 -20.73 -9.92
N ASP A 337 18.05 -21.08 -8.66
CA ASP A 337 18.98 -20.79 -7.59
C ASP A 337 20.38 -21.24 -7.94
N SER A 338 20.48 -22.07 -8.97
CA SER A 338 21.76 -22.62 -9.44
C SER A 338 22.19 -22.02 -10.78
N MET A 339 21.27 -22.02 -11.75
CA MET A 339 21.56 -21.49 -13.08
C MET A 339 22.14 -20.07 -12.95
N LEU A 340 22.12 -19.54 -11.73
CA LEU A 340 22.66 -18.21 -11.47
C LEU A 340 24.12 -18.37 -11.07
N GLU A 341 24.78 -19.34 -11.69
CA GLU A 341 26.18 -19.58 -11.44
C GLU A 341 26.91 -18.72 -12.44
N ARG A 342 26.16 -17.92 -13.18
CA ARG A 342 26.73 -17.04 -14.18
C ARG A 342 27.65 -16.03 -13.50
N GLU A 343 28.68 -15.58 -14.22
CA GLU A 343 29.62 -14.63 -13.67
C GLU A 343 31.06 -15.11 -13.77
N THR A 349 33.84 -9.11 -10.81
CA THR A 349 34.38 -8.39 -9.66
C THR A 349 34.48 -6.88 -9.97
N SER A 350 35.09 -6.13 -9.05
CA SER A 350 35.28 -4.68 -9.18
C SER A 350 34.05 -3.83 -8.86
N VAL A 351 33.90 -3.46 -7.59
CA VAL A 351 32.77 -2.64 -7.15
C VAL A 351 32.84 -1.21 -7.70
N THR A 352 31.77 -0.78 -8.33
CA THR A 352 31.69 0.58 -8.88
C THR A 352 30.41 1.25 -8.38
N CYS A 353 30.20 2.50 -8.77
CA CYS A 353 29.02 3.22 -8.34
C CYS A 353 27.77 2.56 -8.90
N TRP A 354 27.91 1.74 -9.94
CA TRP A 354 26.77 1.05 -10.54
C TRP A 354 26.62 -0.39 -10.06
N SER A 355 27.28 -0.76 -8.96
CA SER A 355 27.18 -2.14 -8.47
C SER A 355 26.05 -2.32 -7.44
N GLN A 356 25.42 -1.23 -7.04
CA GLN A 356 24.33 -1.30 -6.06
C GLN A 356 23.44 -0.09 -6.25
N PRO A 357 22.22 -0.13 -5.69
CA PRO A 357 21.34 1.03 -5.84
C PRO A 357 21.84 2.17 -4.94
N LEU A 358 21.64 3.39 -5.41
CA LEU A 358 22.02 4.57 -4.66
C LEU A 358 20.79 5.50 -4.56
N PHE A 359 20.53 6.01 -3.35
CA PHE A 359 19.39 6.90 -3.10
C PHE A 359 19.83 8.37 -2.93
N PHE A 360 19.45 9.22 -3.88
CA PHE A 360 19.80 10.65 -3.84
C PHE A 360 18.66 11.61 -3.49
N VAL A 361 18.89 12.43 -2.49
CA VAL A 361 17.91 13.44 -2.08
C VAL A 361 18.33 14.77 -2.71
N ASN A 362 17.56 15.26 -3.67
CA ASN A 362 17.89 16.54 -4.31
C ASN A 362 17.43 17.67 -3.36
N LEU A 363 18.35 18.15 -2.55
CA LEU A 363 18.01 19.18 -1.59
C LEU A 363 17.59 20.52 -2.18
N SER A 364 17.86 20.75 -3.46
CA SER A 364 17.49 22.02 -4.06
C SER A 364 15.97 22.21 -4.10
N LYS A 365 15.25 21.19 -4.55
CA LYS A 365 13.80 21.26 -4.63
C LYS A 365 13.14 21.37 -3.25
N SER A 366 13.63 20.55 -2.30
CA SER A 366 13.09 20.50 -0.94
C SER A 366 13.51 21.59 0.06
N THR A 367 14.79 21.97 0.07
CA THR A 367 15.28 22.98 1.02
C THR A 367 15.97 24.19 0.39
N GLY A 368 15.91 24.32 -0.92
CA GLY A 368 16.55 25.46 -1.57
C GLY A 368 18.08 25.45 -1.54
N VAL A 369 18.67 24.32 -1.15
CA VAL A 369 20.13 24.21 -1.08
C VAL A 369 20.68 23.39 -2.25
N ALA A 370 21.76 23.88 -2.84
CA ALA A 370 22.41 23.24 -3.98
C ALA A 370 23.29 22.08 -3.58
N SER A 371 22.71 21.08 -2.93
CA SER A 371 23.46 19.93 -2.52
C SER A 371 22.62 18.67 -2.71
N PHE A 372 23.30 17.52 -2.62
CA PHE A 372 22.64 16.23 -2.73
C PHE A 372 23.07 15.40 -1.55
N MET A 373 22.10 14.81 -0.88
CA MET A 373 22.38 13.96 0.26
C MET A 373 22.14 12.56 -0.24
N MET A 374 23.20 11.76 -0.29
CA MET A 374 23.11 10.39 -0.78
C MET A 374 23.24 9.35 0.32
N LEU A 375 22.38 8.34 0.25
CA LEU A 375 22.36 7.26 1.22
C LEU A 375 22.98 6.00 0.57
N MET A 376 23.71 5.21 1.36
CA MET A 376 24.34 3.98 0.89
C MET A 376 24.19 2.84 1.90
N GLN A 377 24.40 1.61 1.43
CA GLN A 377 24.24 0.45 2.29
C GLN A 377 25.47 -0.45 2.38
N ALA A 378 25.40 -1.45 3.26
CA ALA A 378 26.49 -2.42 3.38
C ALA A 378 26.35 -3.26 2.12
N PRO A 379 27.46 -3.79 1.59
CA PRO A 379 28.84 -3.67 2.07
C PRO A 379 29.56 -2.39 1.61
N LEU A 380 28.91 -1.62 0.74
CA LEU A 380 29.51 -0.40 0.20
C LEU A 380 29.87 0.68 1.24
N THR A 381 28.97 0.92 2.20
CA THR A 381 29.17 1.95 3.23
C THR A 381 30.56 1.98 3.87
N ASN A 382 30.91 0.88 4.50
CA ASN A 382 32.19 0.73 5.19
C ASN A 382 33.40 1.05 4.28
N HIS A 383 33.34 0.65 3.01
CA HIS A 383 34.43 0.92 2.09
C HIS A 383 34.55 2.41 1.72
N ILE A 384 33.41 3.08 1.55
CA ILE A 384 33.41 4.50 1.21
C ILE A 384 33.74 5.36 2.42
N GLU A 385 33.31 4.96 3.62
CA GLU A 385 33.64 5.72 4.83
C GLU A 385 35.15 5.58 5.07
N SER A 386 35.71 4.48 4.57
CA SER A 386 37.14 4.19 4.71
C SER A 386 38.00 5.24 4.00
N ILE A 387 37.49 5.79 2.90
CA ILE A 387 38.22 6.80 2.13
C ILE A 387 37.53 8.17 2.23
N ARG A 388 36.96 8.47 3.38
CA ARG A 388 36.24 9.73 3.57
C ARG A 388 37.12 10.98 3.44
N GLU A 389 38.41 10.84 3.71
CA GLU A 389 39.33 11.97 3.62
C GLU A 389 39.93 12.08 2.23
N ASP A 390 39.67 11.10 1.37
CA ASP A 390 40.25 11.15 0.04
C ASP A 390 39.24 11.69 -0.97
N LYS A 391 39.07 13.00 -0.94
CA LYS A 391 38.14 13.66 -1.81
C LYS A 391 38.29 13.30 -3.29
N GLU A 392 39.51 13.28 -3.80
CA GLU A 392 39.70 12.97 -5.21
C GLU A 392 39.17 11.59 -5.60
N ARG A 393 39.44 10.59 -4.76
CA ARG A 393 39.00 9.23 -5.04
C ARG A 393 37.48 9.10 -4.95
N LEU A 394 36.90 9.80 -3.98
CA LEU A 394 35.47 9.79 -3.79
C LEU A 394 34.82 10.37 -5.03
N PHE A 395 35.37 11.48 -5.54
CA PHE A 395 34.81 12.10 -6.73
C PHE A 395 34.91 11.19 -7.94
N SER A 396 36.00 10.44 -8.05
CA SER A 396 36.18 9.56 -9.19
C SER A 396 35.24 8.37 -9.10
N PHE A 397 35.00 7.90 -7.88
CA PHE A 397 34.13 6.77 -7.66
C PHE A 397 32.68 7.06 -8.04
N PHE A 398 32.19 8.24 -7.69
CA PHE A 398 30.79 8.61 -7.95
C PHE A 398 30.56 9.43 -9.23
N GLN A 399 31.62 10.01 -9.77
CA GLN A 399 31.47 10.84 -10.97
C GLN A 399 30.51 10.31 -12.03
N PRO A 400 30.53 8.99 -12.28
CA PRO A 400 29.59 8.49 -13.29
C PRO A 400 28.10 8.56 -12.93
N VAL A 401 27.72 8.21 -11.70
CA VAL A 401 26.30 8.32 -11.33
C VAL A 401 25.92 9.78 -11.32
N LEU A 402 26.79 10.62 -10.76
CA LEU A 402 26.50 12.05 -10.72
C LEU A 402 26.24 12.64 -12.11
N ASN A 403 27.08 12.30 -13.09
CA ASN A 403 26.85 12.85 -14.42
C ASN A 403 25.59 12.26 -15.05
N LYS A 404 25.32 11.00 -14.76
CA LYS A 404 24.11 10.39 -15.32
C LYS A 404 22.89 11.14 -14.77
N ILE A 405 22.94 11.50 -13.49
CA ILE A 405 21.85 12.23 -12.88
C ILE A 405 21.73 13.60 -13.55
N MET A 406 22.81 14.37 -13.59
CA MET A 406 22.79 15.69 -14.20
C MET A 406 22.26 15.67 -15.62
N LYS A 407 22.63 14.64 -16.38
CA LYS A 407 22.15 14.54 -17.74
C LYS A 407 20.64 14.45 -17.69
N CYS A 408 20.16 13.36 -17.07
CA CYS A 408 18.72 13.11 -16.92
C CYS A 408 17.94 14.30 -16.38
N LEU A 409 18.63 15.24 -15.75
CA LEU A 409 17.98 16.42 -15.20
C LEU A 409 18.27 17.68 -16.00
N ASP A 410 18.38 17.52 -17.32
CA ASP A 410 18.65 18.65 -18.22
C ASP A 410 19.88 19.49 -17.88
N SER A 411 20.95 18.84 -17.42
CA SER A 411 22.17 19.58 -17.07
C SER A 411 23.39 18.95 -17.75
N GLU A 412 24.58 19.27 -17.27
CA GLU A 412 25.82 18.75 -17.86
C GLU A 412 26.74 18.05 -16.87
N ASP A 413 27.75 17.36 -17.41
CA ASP A 413 28.73 16.63 -16.59
C ASP A 413 29.31 17.55 -15.52
N VAL A 414 29.57 16.97 -14.36
CA VAL A 414 30.09 17.72 -13.23
C VAL A 414 31.56 18.14 -13.29
N ILE A 415 31.82 19.39 -12.92
CA ILE A 415 33.17 19.91 -12.90
C ILE A 415 33.65 19.80 -11.46
N ASP A 416 34.90 19.43 -11.27
CA ASP A 416 35.46 19.30 -9.94
C ASP A 416 36.02 20.62 -9.43
N GLY A 417 35.35 21.24 -8.47
CA GLY A 417 35.82 22.51 -7.96
C GLY A 417 36.17 22.50 -6.48
N MET A 418 36.45 21.33 -5.93
CA MET A 418 36.78 21.23 -4.51
C MET A 418 38.08 21.94 -4.14
N ARG A 419 38.96 22.10 -5.13
CA ARG A 419 40.23 22.78 -4.91
C ARG A 419 40.02 24.23 -5.34
N PRO A 420 40.30 25.19 -4.44
CA PRO A 420 40.14 26.61 -4.78
C PRO A 420 40.79 27.02 -6.11
N ILE A 421 39.97 27.01 -7.16
CA ILE A 421 40.36 27.39 -8.53
C ILE A 421 39.10 27.97 -9.18
N GLU A 422 39.16 29.23 -9.58
CA GLU A 422 38.00 29.91 -10.18
C GLU A 422 38.06 30.10 -11.70
N ASN A 423 37.00 29.67 -12.38
CA ASN A 423 36.88 29.79 -13.84
C ASN A 423 35.55 30.51 -14.15
N ILE A 424 35.42 31.02 -15.37
CA ILE A 424 34.22 31.75 -15.74
C ILE A 424 33.20 31.09 -16.67
N ALA A 425 33.68 30.44 -17.73
CA ALA A 425 32.79 29.78 -18.69
C ALA A 425 32.09 28.55 -18.10
N ASN A 426 32.16 28.42 -16.77
CA ASN A 426 31.54 27.31 -16.07
C ASN A 426 30.42 27.76 -15.13
N ALA A 427 29.62 28.71 -15.59
CA ALA A 427 28.52 29.20 -14.79
C ALA A 427 27.27 28.48 -15.26
N ASN A 428 27.44 27.64 -16.28
CA ASN A 428 26.34 26.87 -16.86
C ASN A 428 26.45 25.37 -16.58
N LYS A 429 27.55 24.96 -15.96
CA LYS A 429 27.76 23.55 -15.62
C LYS A 429 27.87 23.41 -14.10
N PRO A 430 27.37 22.29 -13.55
CA PRO A 430 27.44 22.09 -12.10
C PRO A 430 28.86 21.93 -11.55
N VAL A 431 29.23 22.81 -10.62
CA VAL A 431 30.55 22.79 -10.03
C VAL A 431 30.52 22.21 -8.61
N LEU A 432 31.13 21.05 -8.44
CA LEU A 432 31.18 20.40 -7.13
C LEU A 432 32.21 21.13 -6.25
N ARG A 433 31.74 21.75 -5.17
CA ARG A 433 32.61 22.48 -4.27
C ARG A 433 33.09 21.70 -3.05
N ASN A 434 32.48 20.54 -2.78
CA ASN A 434 32.88 19.75 -1.61
C ASN A 434 32.09 18.45 -1.41
N ILE A 435 32.66 17.52 -0.65
CA ILE A 435 32.04 16.24 -0.36
C ILE A 435 32.15 15.93 1.13
N ILE A 436 31.05 15.53 1.74
CA ILE A 436 31.10 15.18 3.17
C ILE A 436 30.60 13.75 3.28
N VAL A 437 31.30 12.95 4.06
CA VAL A 437 30.91 11.56 4.20
C VAL A 437 30.74 11.25 5.67
N SER A 438 29.86 10.29 5.98
CA SER A 438 29.65 9.92 7.38
C SER A 438 30.82 9.05 7.80
N ASN A 439 30.78 8.55 9.03
CA ASN A 439 31.84 7.70 9.53
C ASN A 439 31.29 6.78 10.64
N TRP A 440 30.04 6.35 10.51
CA TRP A 440 29.38 5.52 11.52
C TRP A 440 29.90 4.09 11.67
N THR A 441 30.30 3.44 10.57
CA THR A 441 30.77 2.06 10.67
C THR A 441 32.18 1.99 11.25
N ARG A 442 32.85 3.14 11.34
CA ARG A 442 34.21 3.18 11.86
C ARG A 442 34.33 3.91 13.18
N ASP A 443 33.22 4.50 13.63
CA ASP A 443 33.20 5.21 14.89
C ASP A 443 32.96 4.12 15.91
N PRO A 444 33.88 3.93 16.85
CA PRO A 444 33.72 2.89 17.87
C PRO A 444 32.49 2.99 18.77
N TYR A 445 31.90 4.19 18.86
CA TYR A 445 30.73 4.36 19.72
C TYR A 445 29.39 4.15 19.03
N SER A 446 29.44 3.74 17.77
CA SER A 446 28.23 3.44 17.01
C SER A 446 28.44 2.12 16.28
N ARG A 447 29.57 1.95 15.60
CA ARG A 447 29.84 0.71 14.89
C ARG A 447 28.62 0.31 14.07
N GLY A 448 28.16 1.20 13.20
CA GLY A 448 27.01 0.89 12.39
C GLY A 448 25.90 1.91 12.55
N ALA A 449 24.89 1.80 11.69
CA ALA A 449 23.76 2.73 11.72
C ALA A 449 22.68 2.46 12.76
N TYR A 450 22.02 1.31 12.64
CA TYR A 450 20.96 0.95 13.56
C TYR A 450 20.58 -0.52 13.36
N SER A 451 19.72 -1.03 14.23
CA SER A 451 19.27 -2.41 14.16
C SER A 451 18.71 -2.75 12.79
N ALA A 452 18.94 -3.99 12.37
CA ALA A 452 18.46 -4.50 11.09
C ALA A 452 18.28 -6.02 11.22
N CYS A 453 17.82 -6.69 10.17
CA CYS A 453 17.58 -8.14 10.22
C CYS A 453 18.20 -8.99 9.10
N PHE A 454 18.97 -10.01 9.50
CA PHE A 454 19.58 -10.95 8.56
C PHE A 454 18.58 -12.08 8.44
N PRO A 455 18.48 -12.71 7.26
CA PRO A 455 17.51 -13.81 7.14
C PRO A 455 17.57 -14.75 8.33
N GLY A 456 16.44 -14.90 9.00
CA GLY A 456 16.37 -15.77 10.16
C GLY A 456 16.27 -14.98 11.45
N ASP A 457 16.46 -13.66 11.35
CA ASP A 457 16.40 -12.81 12.53
C ASP A 457 15.00 -12.66 13.10
N ASP A 458 14.92 -12.16 14.33
CA ASP A 458 13.65 -11.93 15.00
C ASP A 458 13.83 -10.82 16.04
N PRO A 459 13.39 -9.61 15.71
CA PRO A 459 13.46 -8.42 16.56
C PRO A 459 12.75 -8.49 17.91
N VAL A 460 11.58 -9.11 17.96
CA VAL A 460 10.82 -9.21 19.21
C VAL A 460 11.70 -9.63 20.40
N ASP A 461 12.50 -10.68 20.18
CA ASP A 461 13.39 -11.21 21.22
C ASP A 461 14.16 -10.11 21.95
N MET A 462 14.95 -9.36 21.20
CA MET A 462 15.75 -8.27 21.74
C MET A 462 14.91 -7.16 22.38
N VAL A 463 13.80 -6.80 21.74
CA VAL A 463 12.93 -5.77 22.29
C VAL A 463 12.43 -6.18 23.66
N VAL A 464 11.98 -7.43 23.77
CA VAL A 464 11.49 -7.95 25.05
C VAL A 464 12.65 -8.05 26.03
N ALA A 465 13.72 -8.71 25.61
CA ALA A 465 14.90 -8.86 26.45
C ALA A 465 15.32 -7.52 27.04
N MET A 466 15.35 -6.49 26.20
CA MET A 466 15.73 -5.14 26.60
C MET A 466 14.74 -4.42 27.49
N SER A 467 13.47 -4.45 27.10
CA SER A 467 12.42 -3.77 27.87
C SER A 467 12.16 -4.42 29.23
N ASN A 468 12.54 -5.68 29.38
CA ASN A 468 12.35 -6.39 30.65
C ASN A 468 13.52 -6.09 31.59
N GLY A 469 14.55 -5.44 31.05
CA GLY A 469 15.73 -5.07 31.83
C GLY A 469 16.62 -6.21 32.28
N GLN A 470 17.74 -5.87 32.93
CA GLN A 470 18.66 -6.87 33.46
C GLN A 470 18.08 -7.23 34.83
N ASP A 471 17.32 -6.27 35.37
CA ASP A 471 16.63 -6.40 36.65
C ASP A 471 15.95 -5.07 36.97
N SER A 472 15.49 -4.91 38.20
CA SER A 472 14.81 -3.67 38.57
C SER A 472 15.75 -2.49 38.73
N ARG A 473 17.04 -2.71 38.53
CA ARG A 473 17.99 -1.62 38.68
C ARG A 473 18.69 -1.25 37.36
N ILE A 474 19.17 -2.26 36.63
CA ILE A 474 19.85 -2.06 35.35
C ILE A 474 18.83 -2.10 34.19
N ARG A 475 18.45 -0.94 33.67
CA ARG A 475 17.47 -0.85 32.58
C ARG A 475 18.09 -0.54 31.21
N PHE A 476 17.26 -0.47 30.18
CA PHE A 476 17.74 -0.17 28.84
C PHE A 476 16.80 0.72 28.05
N ALA A 477 17.38 1.47 27.11
CA ALA A 477 16.65 2.38 26.26
C ALA A 477 17.39 2.45 24.93
N GLY A 478 16.75 3.01 23.91
CA GLY A 478 17.39 3.09 22.62
C GLY A 478 16.57 2.47 21.51
N GLU A 479 16.81 2.92 20.28
CA GLU A 479 16.09 2.43 19.12
C GLU A 479 15.99 0.93 19.02
N HIS A 480 16.71 0.20 19.88
CA HIS A 480 16.69 -1.24 19.82
C HIS A 480 15.97 -1.88 21.00
N THR A 481 15.36 -1.05 21.83
CA THR A 481 14.67 -1.55 23.00
C THR A 481 13.17 -1.23 23.00
N ILE A 482 12.58 -1.14 21.82
CA ILE A 482 11.16 -0.80 21.73
C ILE A 482 10.54 -1.28 20.41
N MET A 483 9.23 -1.50 20.43
CA MET A 483 8.56 -2.01 19.23
C MET A 483 8.09 -0.95 18.25
N ASP A 484 7.35 0.04 18.73
CA ASP A 484 6.90 1.09 17.83
C ASP A 484 8.06 2.07 17.64
N GLY A 485 8.45 2.28 16.39
CA GLY A 485 9.54 3.20 16.08
C GLY A 485 10.91 2.56 16.19
N ALA A 486 10.93 1.22 16.19
CA ALA A 486 12.18 0.49 16.29
C ALA A 486 13.18 1.05 15.28
N GLY A 487 14.39 1.33 15.76
CA GLY A 487 15.41 1.86 14.87
C GLY A 487 15.26 3.33 14.51
N CYS A 488 14.18 3.98 14.95
CA CYS A 488 13.96 5.38 14.62
C CYS A 488 14.26 6.34 15.76
N ALA A 489 14.45 7.61 15.43
CA ALA A 489 14.73 8.63 16.44
C ALA A 489 13.63 8.69 17.49
N TYR A 490 12.36 8.56 17.08
CA TYR A 490 11.27 8.62 18.04
C TYR A 490 11.16 7.33 18.84
N GLY A 491 11.53 6.23 18.23
CA GLY A 491 11.50 4.96 18.96
C GLY A 491 12.45 5.10 20.13
N ALA A 492 13.65 5.64 19.87
CA ALA A 492 14.67 5.84 20.89
C ALA A 492 14.21 6.87 21.91
N TRP A 493 13.52 7.89 21.42
CA TRP A 493 12.99 8.96 22.26
C TRP A 493 12.01 8.44 23.31
N GLU A 494 11.08 7.59 22.88
CA GLU A 494 10.07 7.03 23.77
C GLU A 494 10.67 6.02 24.75
N SER A 495 11.60 5.21 24.28
CA SER A 495 12.22 4.22 25.14
C SER A 495 12.92 4.96 26.27
N GLY A 496 13.24 6.23 26.03
CA GLY A 496 13.89 7.02 27.06
C GLY A 496 12.90 7.52 28.08
N ARG A 497 11.69 7.83 27.64
CA ARG A 497 10.66 8.30 28.55
C ARG A 497 10.16 7.10 29.36
N ARG A 498 10.10 5.95 28.69
CA ARG A 498 9.65 4.70 29.31
C ARG A 498 10.40 4.43 30.61
N GLU A 499 11.62 3.90 30.51
CA GLU A 499 12.44 3.60 31.68
C GLU A 499 12.41 4.76 32.65
N ALA A 500 12.46 5.97 32.12
CA ALA A 500 12.46 7.16 32.96
C ALA A 500 11.25 7.24 33.90
N THR A 501 10.04 7.01 33.37
CA THR A 501 8.86 7.09 34.21
C THR A 501 8.79 5.88 35.15
N ARG A 502 9.19 4.72 34.66
CA ARG A 502 9.20 3.50 35.47
C ARG A 502 10.08 3.68 36.71
N ILE A 503 11.00 4.63 36.64
CA ILE A 503 11.92 4.92 37.74
C ILE A 503 11.42 6.17 38.47
N SER A 504 10.78 7.05 37.73
CA SER A 504 10.27 8.29 38.29
C SER A 504 9.21 8.09 39.36
N ASP A 505 8.04 7.59 38.94
CA ASP A 505 6.95 7.36 39.89
C ASP A 505 7.45 6.49 41.04
N LEU A 506 8.47 5.67 40.74
CA LEU A 506 9.08 4.78 41.70
C LEU A 506 10.03 5.53 42.65
N LEU A 507 9.85 6.84 42.74
CA LEU A 507 10.69 7.70 43.59
C LEU A 507 9.85 8.79 44.25
N LYS A 508 8.93 9.35 43.48
CA LYS A 508 8.03 10.39 43.99
C LYS A 508 7.20 9.70 45.08
N LEU A 509 6.76 8.49 44.77
CA LEU A 509 5.95 7.69 45.70
C LEU A 509 6.79 7.24 46.90
N GLU A 510 8.06 6.92 46.65
CA GLU A 510 8.97 6.48 47.72
C GLU A 510 8.83 7.43 48.90
N HIS A 511 9.27 8.67 48.68
CA HIS A 511 9.21 9.69 49.72
C HIS A 511 8.87 11.05 49.14
N SER B 5 -46.04 -36.77 -10.67
CA SER B 5 -46.37 -35.74 -11.70
C SER B 5 -45.13 -34.90 -12.04
N PRO B 6 -44.53 -34.22 -11.03
CA PRO B 6 -43.35 -33.40 -11.29
C PRO B 6 -42.09 -34.25 -11.52
N ALA B 7 -41.43 -34.04 -12.66
CA ALA B 7 -40.22 -34.79 -13.00
C ALA B 7 -39.20 -34.77 -11.87
N LYS B 8 -38.62 -35.93 -11.59
CA LYS B 8 -37.62 -36.07 -10.52
C LYS B 8 -36.22 -35.65 -10.96
N LYS B 9 -35.54 -34.92 -10.08
CA LYS B 9 -34.19 -34.42 -10.35
C LYS B 9 -33.36 -34.52 -9.08
N LYS B 10 -32.08 -34.83 -9.23
CA LYS B 10 -31.20 -34.92 -8.08
C LYS B 10 -30.88 -33.54 -7.52
N VAL B 11 -30.60 -32.60 -8.42
CA VAL B 11 -30.27 -31.24 -8.03
C VAL B 11 -30.80 -30.20 -9.02
N ILE B 12 -31.43 -29.15 -8.48
CA ILE B 12 -31.94 -28.07 -9.32
C ILE B 12 -31.22 -26.77 -8.95
N ILE B 13 -30.66 -26.11 -9.94
CA ILE B 13 -29.94 -24.87 -9.71
C ILE B 13 -30.73 -23.72 -10.31
N ILE B 14 -31.03 -22.70 -9.51
CA ILE B 14 -31.77 -21.55 -10.01
C ILE B 14 -30.80 -20.45 -10.41
N GLY B 15 -30.78 -20.09 -11.69
CA GLY B 15 -29.88 -19.04 -12.19
C GLY B 15 -28.69 -19.58 -12.97
N ALA B 16 -28.45 -19.06 -14.18
CA ALA B 16 -27.34 -19.50 -15.01
C ALA B 16 -26.18 -18.50 -15.06
N GLY B 17 -25.98 -17.80 -13.94
CA GLY B 17 -24.89 -16.86 -13.87
C GLY B 17 -23.67 -17.72 -13.64
N ILE B 18 -22.51 -17.11 -13.42
CA ILE B 18 -21.31 -17.89 -13.22
C ILE B 18 -21.37 -18.80 -11.99
N ALA B 19 -22.18 -18.46 -11.00
CA ALA B 19 -22.28 -19.28 -9.80
C ALA B 19 -22.97 -20.60 -10.12
N GLY B 20 -24.20 -20.49 -10.62
CA GLY B 20 -24.98 -21.67 -10.98
C GLY B 20 -24.30 -22.49 -12.06
N LEU B 21 -23.65 -21.81 -13.00
CA LEU B 21 -22.95 -22.51 -14.07
C LEU B 21 -21.80 -23.34 -13.55
N LYS B 22 -21.07 -22.83 -12.57
CA LYS B 22 -19.94 -23.58 -12.04
C LYS B 22 -20.41 -24.70 -11.15
N ALA B 23 -21.47 -24.44 -10.39
CA ALA B 23 -22.01 -25.45 -9.49
C ALA B 23 -22.49 -26.65 -10.28
N ALA B 24 -23.04 -26.39 -11.46
CA ALA B 24 -23.52 -27.46 -12.32
C ALA B 24 -22.33 -28.18 -12.94
N SER B 25 -21.31 -27.41 -13.33
CA SER B 25 -20.11 -27.97 -13.92
C SER B 25 -19.48 -28.96 -12.95
N THR B 26 -19.36 -28.54 -11.70
CA THR B 26 -18.79 -29.40 -10.66
C THR B 26 -19.60 -30.68 -10.53
N LEU B 27 -20.93 -30.54 -10.49
CA LEU B 27 -21.81 -31.69 -10.36
C LEU B 27 -21.53 -32.71 -11.48
N HIS B 28 -21.56 -32.26 -12.73
CA HIS B 28 -21.30 -33.15 -13.88
C HIS B 28 -19.89 -33.71 -13.81
N GLN B 29 -19.02 -33.00 -13.08
CA GLN B 29 -17.65 -33.41 -12.92
C GLN B 29 -17.58 -34.57 -11.93
N ASN B 30 -18.38 -34.49 -10.87
CA ASN B 30 -18.39 -35.55 -9.87
C ASN B 30 -19.41 -36.64 -10.19
N GLY B 31 -19.71 -36.78 -11.47
CA GLY B 31 -20.64 -37.82 -11.93
C GLY B 31 -22.08 -37.80 -11.43
N ILE B 32 -22.65 -36.61 -11.27
CA ILE B 32 -24.03 -36.51 -10.83
C ILE B 32 -24.88 -36.31 -12.07
N GLN B 33 -26.05 -36.94 -12.10
CA GLN B 33 -26.95 -36.84 -13.24
C GLN B 33 -28.37 -36.48 -12.84
N ASP B 34 -29.17 -36.11 -13.84
CA ASP B 34 -30.55 -35.71 -13.60
C ASP B 34 -30.55 -34.40 -12.83
N CYS B 35 -29.84 -33.43 -13.37
CA CYS B 35 -29.74 -32.11 -12.79
C CYS B 35 -30.34 -31.13 -13.78
N LEU B 36 -30.77 -29.98 -13.28
CA LEU B 36 -31.37 -28.96 -14.12
C LEU B 36 -30.88 -27.56 -13.74
N VAL B 37 -30.73 -26.70 -14.75
CA VAL B 37 -30.33 -25.31 -14.54
C VAL B 37 -31.39 -24.37 -15.11
N LEU B 38 -32.19 -23.79 -14.21
CA LEU B 38 -33.29 -22.88 -14.56
C LEU B 38 -32.87 -21.40 -14.56
N GLU B 39 -32.95 -20.76 -15.73
CA GLU B 39 -32.55 -19.37 -15.91
C GLU B 39 -33.65 -18.51 -16.53
N ALA B 40 -34.02 -17.43 -15.85
CA ALA B 40 -35.09 -16.52 -16.31
C ALA B 40 -34.85 -15.76 -17.63
N ARG B 41 -33.62 -15.36 -17.89
CA ARG B 41 -33.33 -14.64 -19.12
C ARG B 41 -33.16 -15.62 -20.28
N ASP B 42 -33.06 -15.10 -21.49
CA ASP B 42 -32.88 -15.99 -22.64
C ASP B 42 -31.39 -16.27 -22.86
N ARG B 43 -30.58 -16.08 -21.82
CA ARG B 43 -29.15 -16.32 -21.91
C ARG B 43 -28.50 -16.72 -20.58
N VAL B 44 -27.30 -17.26 -20.66
CA VAL B 44 -26.55 -17.64 -19.47
C VAL B 44 -25.56 -16.48 -19.27
N GLY B 45 -24.84 -16.49 -18.15
CA GLY B 45 -23.87 -15.44 -17.89
C GLY B 45 -24.25 -14.53 -16.73
N GLY B 46 -25.53 -14.15 -16.67
CA GLY B 46 -25.99 -13.29 -15.60
C GLY B 46 -25.30 -11.93 -15.66
N ARG B 47 -24.61 -11.58 -14.58
CA ARG B 47 -23.94 -10.30 -14.54
C ARG B 47 -22.68 -10.25 -15.40
N LEU B 48 -22.44 -11.32 -16.16
CA LEU B 48 -21.32 -11.38 -17.10
C LEU B 48 -22.01 -11.41 -18.46
N GLN B 49 -21.92 -10.32 -19.21
CA GLN B 49 -22.55 -10.27 -20.53
C GLN B 49 -21.77 -9.43 -21.55
N THR B 50 -21.43 -10.05 -22.67
CA THR B 50 -20.70 -9.35 -23.71
C THR B 50 -21.66 -8.90 -24.81
N VAL B 51 -21.69 -7.61 -25.08
CA VAL B 51 -22.56 -7.07 -26.11
C VAL B 51 -21.79 -6.65 -27.36
N THR B 52 -22.52 -6.26 -28.41
CA THR B 52 -21.89 -5.85 -29.68
C THR B 52 -22.23 -4.42 -30.09
N GLY B 53 -21.24 -3.72 -30.63
CA GLY B 53 -21.46 -2.34 -31.06
C GLY B 53 -20.92 -2.04 -32.45
N TYR B 54 -20.60 -0.77 -32.67
CA TYR B 54 -20.06 -0.28 -33.93
C TYR B 54 -19.01 -1.22 -34.52
N GLN B 55 -19.25 -1.68 -35.75
CA GLN B 55 -18.33 -2.56 -36.48
C GLN B 55 -18.12 -3.97 -35.93
N GLY B 56 -18.93 -4.36 -34.96
CA GLY B 56 -18.76 -5.69 -34.39
C GLY B 56 -17.79 -5.71 -33.22
N ARG B 57 -17.50 -4.53 -32.68
CA ARG B 57 -16.60 -4.41 -31.54
C ARG B 57 -17.33 -5.01 -30.33
N LYS B 58 -16.62 -5.82 -29.54
CA LYS B 58 -17.26 -6.44 -28.39
C LYS B 58 -16.83 -5.81 -27.05
N TYR B 59 -17.78 -5.76 -26.12
CA TYR B 59 -17.50 -5.21 -24.80
C TYR B 59 -18.29 -5.91 -23.71
N ASP B 60 -17.68 -6.00 -22.53
CA ASP B 60 -18.33 -6.59 -21.39
C ASP B 60 -19.13 -5.46 -20.76
N ILE B 61 -20.45 -5.64 -20.64
CA ILE B 61 -21.29 -4.60 -20.04
C ILE B 61 -21.50 -4.91 -18.55
N GLY B 62 -21.01 -6.06 -18.13
CA GLY B 62 -21.08 -6.46 -16.73
C GLY B 62 -19.63 -6.53 -16.26
N ALA B 63 -19.21 -7.65 -15.68
CA ALA B 63 -17.83 -7.79 -15.21
C ALA B 63 -16.82 -7.72 -16.36
N SER B 64 -15.72 -7.01 -16.12
CA SER B 64 -14.65 -6.84 -17.12
C SER B 64 -13.32 -7.41 -16.69
N TRP B 65 -13.02 -7.30 -15.40
CA TRP B 65 -11.74 -7.73 -14.90
C TRP B 65 -11.71 -8.96 -14.02
N HIS B 66 -10.50 -9.52 -13.93
CA HIS B 66 -10.16 -10.64 -13.06
C HIS B 66 -9.40 -9.88 -11.96
N HIS B 67 -9.98 -9.79 -10.78
CA HIS B 67 -9.34 -9.08 -9.70
C HIS B 67 -8.45 -10.04 -8.92
N ASP B 68 -7.58 -9.49 -8.07
CA ASP B 68 -6.71 -10.29 -7.22
C ASP B 68 -6.00 -11.45 -7.96
N THR B 69 -5.38 -11.16 -9.09
CA THR B 69 -4.72 -12.21 -9.87
C THR B 69 -3.67 -13.05 -9.15
N LEU B 70 -3.26 -12.63 -7.95
CA LEU B 70 -2.27 -13.41 -7.20
C LEU B 70 -2.90 -14.60 -6.52
N THR B 71 -4.22 -14.61 -6.37
CA THR B 71 -4.91 -15.71 -5.70
C THR B 71 -6.28 -16.05 -6.28
N ASN B 72 -6.62 -15.44 -7.41
CA ASN B 72 -7.90 -15.67 -8.09
C ASN B 72 -7.94 -17.10 -8.66
N PRO B 73 -8.63 -18.04 -7.99
CA PRO B 73 -8.67 -19.40 -8.53
C PRO B 73 -9.25 -19.47 -9.95
N LEU B 74 -10.21 -18.60 -10.24
CA LEU B 74 -10.79 -18.57 -11.58
C LEU B 74 -9.75 -18.09 -12.58
N PHE B 75 -9.08 -16.99 -12.26
CA PHE B 75 -8.07 -16.44 -13.15
C PHE B 75 -6.95 -17.44 -13.43
N LEU B 76 -6.38 -17.99 -12.36
CA LEU B 76 -5.29 -18.96 -12.47
C LEU B 76 -5.67 -20.03 -13.49
N GLU B 77 -6.88 -20.55 -13.36
CA GLU B 77 -7.37 -21.58 -14.28
C GLU B 77 -7.31 -21.04 -15.72
N GLU B 78 -7.81 -19.84 -15.92
CA GLU B 78 -7.80 -19.24 -17.25
C GLU B 78 -6.37 -19.09 -17.78
N ALA B 79 -5.46 -18.65 -16.92
CA ALA B 79 -4.06 -18.45 -17.30
C ALA B 79 -3.34 -19.76 -17.55
N GLN B 80 -3.85 -20.85 -16.98
CA GLN B 80 -3.25 -22.16 -17.18
C GLN B 80 -3.55 -22.62 -18.60
N LEU B 81 -4.76 -22.37 -19.06
CA LEU B 81 -5.15 -22.73 -20.41
C LEU B 81 -4.27 -21.99 -21.40
N SER B 82 -4.16 -20.67 -21.22
CA SER B 82 -3.35 -19.83 -22.10
C SER B 82 -1.89 -20.24 -22.12
N LEU B 83 -1.49 -21.06 -21.16
CA LEU B 83 -0.12 -21.51 -21.09
C LEU B 83 0.10 -22.67 -22.07
N ASN B 84 -1.00 -23.36 -22.40
CA ASN B 84 -0.95 -24.48 -23.32
C ASN B 84 -1.39 -24.06 -24.72
N ASP B 85 -2.69 -23.81 -24.87
CA ASP B 85 -3.25 -23.40 -26.15
C ASP B 85 -2.51 -22.20 -26.73
N GLY B 86 -1.93 -21.38 -25.85
CA GLY B 86 -1.19 -20.21 -26.27
C GLY B 86 -2.04 -19.04 -26.72
N ARG B 87 -3.36 -19.11 -26.52
CA ARG B 87 -4.25 -18.03 -26.91
C ARG B 87 -4.44 -16.96 -25.84
N THR B 88 -4.80 -15.76 -26.28
CA THR B 88 -5.01 -14.63 -25.38
C THR B 88 -6.45 -14.55 -24.89
N ARG B 89 -6.62 -14.57 -23.58
CA ARG B 89 -7.94 -14.51 -22.95
C ARG B 89 -8.12 -13.23 -22.14
N PHE B 90 -6.98 -12.64 -21.75
CA PHE B 90 -6.97 -11.44 -20.94
C PHE B 90 -5.77 -10.55 -21.21
N VAL B 91 -5.74 -9.39 -20.55
CA VAL B 91 -4.64 -8.46 -20.70
C VAL B 91 -4.50 -7.60 -19.44
N PHE B 92 -3.34 -7.70 -18.76
CA PHE B 92 -3.10 -6.90 -17.57
C PHE B 92 -3.07 -5.46 -18.06
N ASP B 93 -4.07 -4.68 -17.68
CA ASP B 93 -4.16 -3.31 -18.15
C ASP B 93 -4.01 -2.23 -17.09
N ASP B 94 -3.48 -2.59 -15.93
CA ASP B 94 -3.27 -1.60 -14.88
C ASP B 94 -2.31 -0.59 -15.48
N ASP B 95 -2.39 0.66 -15.06
CA ASP B 95 -1.56 1.72 -15.62
C ASP B 95 -1.58 2.92 -14.68
N ASN B 96 -0.68 3.87 -14.90
CA ASN B 96 -0.66 5.06 -14.05
C ASN B 96 -1.88 5.90 -14.42
N PHE B 97 -2.69 6.22 -13.42
CA PHE B 97 -3.90 6.99 -13.63
C PHE B 97 -3.65 8.42 -14.05
N ILE B 98 -4.50 8.90 -14.93
CA ILE B 98 -4.43 10.28 -15.37
C ILE B 98 -5.66 10.91 -14.74
N TYR B 99 -5.44 11.94 -13.93
CA TYR B 99 -6.56 12.61 -13.27
C TYR B 99 -6.78 13.96 -13.92
N ILE B 100 -8.05 14.25 -14.21
CA ILE B 100 -8.41 15.48 -14.88
C ILE B 100 -9.43 16.33 -14.13
N ASP B 101 -9.09 17.60 -13.92
CA ASP B 101 -10.02 18.52 -13.28
C ASP B 101 -10.53 19.38 -14.44
N GLU B 102 -11.66 20.03 -14.25
CA GLU B 102 -12.19 20.83 -15.34
C GLU B 102 -11.38 22.09 -15.60
N GLU B 103 -11.01 22.80 -14.54
CA GLU B 103 -10.24 24.02 -14.70
C GLU B 103 -8.79 23.69 -14.98
N ARG B 104 -8.14 23.16 -13.96
CA ARG B 104 -6.72 22.81 -13.95
C ARG B 104 -6.17 21.71 -14.88
N GLY B 105 -7.03 20.97 -15.59
CA GLY B 105 -6.53 19.92 -16.46
C GLY B 105 -5.95 18.75 -15.66
N ARG B 106 -4.89 18.14 -16.17
CA ARG B 106 -4.25 17.00 -15.49
C ARG B 106 -3.59 17.34 -14.16
N VAL B 107 -3.91 16.55 -13.13
CA VAL B 107 -3.35 16.76 -11.80
C VAL B 107 -2.61 15.53 -11.27
N ASP B 108 -2.39 14.54 -12.12
CA ASP B 108 -1.68 13.33 -11.70
C ASP B 108 -0.17 13.49 -11.77
N HIS B 109 0.55 12.77 -10.91
CA HIS B 109 2.02 12.80 -10.90
C HIS B 109 2.52 14.24 -11.07
N ASP B 110 2.00 15.14 -10.25
CA ASP B 110 2.35 16.56 -10.31
C ASP B 110 3.30 16.91 -9.17
N LYS B 111 4.45 17.46 -9.52
CA LYS B 111 5.49 17.78 -8.53
C LYS B 111 5.13 18.72 -7.39
N GLU B 112 3.96 19.35 -7.46
CA GLU B 112 3.54 20.26 -6.39
C GLU B 112 2.36 19.73 -5.62
N LEU B 113 1.40 19.17 -6.35
CA LEU B 113 0.21 18.62 -5.71
C LEU B 113 0.53 17.31 -4.99
N LEU B 114 1.26 16.43 -5.67
CA LEU B 114 1.65 15.14 -5.09
C LEU B 114 0.43 14.42 -4.53
N LEU B 115 -0.69 14.58 -5.22
CA LEU B 115 -1.97 14.00 -4.80
C LEU B 115 -1.93 12.52 -4.50
N GLU B 116 -1.27 11.75 -5.35
CA GLU B 116 -1.19 10.30 -5.13
C GLU B 116 -0.50 10.03 -3.79
N ILE B 117 0.46 10.88 -3.41
CA ILE B 117 1.16 10.67 -2.15
C ILE B 117 0.27 10.92 -0.91
N VAL B 118 -0.48 12.01 -0.91
CA VAL B 118 -1.37 12.25 0.23
C VAL B 118 -2.49 11.23 0.22
N ASP B 119 -2.88 10.77 -0.97
CA ASP B 119 -3.92 9.77 -1.09
C ASP B 119 -3.47 8.50 -0.36
N ASN B 120 -2.21 8.13 -0.57
CA ASN B 120 -1.64 6.95 0.09
C ASN B 120 -1.72 7.14 1.61
N GLU B 121 -1.44 8.35 2.10
CA GLU B 121 -1.46 8.64 3.53
C GLU B 121 -2.87 8.54 4.09
N MET B 122 -3.86 8.92 3.29
CA MET B 122 -5.23 8.88 3.72
C MET B 122 -5.72 7.43 3.94
N SER B 123 -5.44 6.53 2.99
CA SER B 123 -5.85 5.15 3.20
C SER B 123 -5.15 4.60 4.43
N LYS B 124 -3.91 4.98 4.65
CA LYS B 124 -3.20 4.50 5.84
C LYS B 124 -3.94 5.03 7.08
N PHE B 125 -4.39 6.27 7.00
CA PHE B 125 -5.15 6.92 8.07
C PHE B 125 -6.42 6.11 8.33
N ALA B 126 -7.08 5.70 7.26
CA ALA B 126 -8.31 4.93 7.39
C ALA B 126 -8.02 3.58 8.03
N GLU B 127 -6.90 2.98 7.65
CA GLU B 127 -6.50 1.69 8.21
C GLU B 127 -6.23 1.84 9.70
N LEU B 128 -5.49 2.89 10.08
CA LEU B 128 -5.18 3.13 11.48
C LEU B 128 -6.44 3.41 12.28
N GLU B 129 -7.47 3.89 11.59
CA GLU B 129 -8.72 4.26 12.22
C GLU B 129 -9.60 3.08 12.65
N PHE B 130 -9.74 2.07 11.82
CA PHE B 130 -10.58 0.94 12.16
C PHE B 130 -9.86 -0.36 12.51
N HIS B 131 -8.74 -0.63 11.85
CA HIS B 131 -7.99 -1.86 12.10
C HIS B 131 -7.52 -1.98 13.55
N GLN B 132 -7.91 -3.08 14.18
CA GLN B 132 -7.51 -3.34 15.56
C GLN B 132 -8.35 -2.68 16.64
N HIS B 133 -9.00 -1.57 16.31
CA HIS B 133 -9.81 -0.82 17.29
C HIS B 133 -11.31 -1.17 17.31
N LEU B 134 -11.74 -1.87 18.36
CA LEU B 134 -13.15 -2.27 18.50
C LEU B 134 -14.08 -1.20 19.04
N GLY B 135 -15.32 -1.22 18.56
CA GLY B 135 -16.31 -0.27 19.03
C GLY B 135 -16.43 1.02 18.24
N VAL B 136 -15.41 1.35 17.46
CA VAL B 136 -15.43 2.56 16.66
C VAL B 136 -16.65 2.54 15.78
N SER B 137 -17.39 3.65 15.76
CA SER B 137 -18.59 3.75 14.96
C SER B 137 -18.23 3.80 13.46
N ASP B 138 -19.22 3.65 12.59
CA ASP B 138 -18.93 3.61 11.16
C ASP B 138 -18.80 4.89 10.31
N CYS B 139 -19.81 5.74 10.23
CA CYS B 139 -19.72 6.95 9.39
C CYS B 139 -19.48 6.66 7.89
N SER B 140 -19.74 7.66 7.05
CA SER B 140 -19.57 7.55 5.59
C SER B 140 -18.16 7.83 5.14
N PHE B 141 -17.81 7.38 3.93
CA PHE B 141 -16.49 7.59 3.38
C PHE B 141 -16.20 9.10 3.39
N PHE B 142 -17.20 9.87 2.95
CA PHE B 142 -17.12 11.32 2.91
C PHE B 142 -16.72 11.85 4.28
N GLN B 143 -17.40 11.38 5.32
CA GLN B 143 -17.09 11.82 6.66
C GLN B 143 -15.66 11.46 7.04
N LEU B 144 -15.17 10.32 6.53
CA LEU B 144 -13.82 9.88 6.86
C LEU B 144 -12.79 10.81 6.27
N VAL B 145 -13.05 11.28 5.06
CA VAL B 145 -12.13 12.18 4.36
C VAL B 145 -12.12 13.54 5.03
N MET B 146 -13.30 14.01 5.44
CA MET B 146 -13.37 15.31 6.10
C MET B 146 -12.59 15.24 7.39
N LYS B 147 -12.71 14.13 8.11
CA LYS B 147 -12.01 13.98 9.36
C LYS B 147 -10.50 14.00 9.11
N TYR B 148 -10.07 13.34 8.05
CA TYR B 148 -8.66 13.32 7.71
C TYR B 148 -8.15 14.74 7.43
N LEU B 149 -8.85 15.43 6.54
CA LEU B 149 -8.44 16.79 6.18
C LEU B 149 -8.37 17.67 7.44
N LEU B 150 -9.25 17.40 8.38
CA LEU B 150 -9.29 18.18 9.61
C LEU B 150 -8.08 17.92 10.48
N GLN B 151 -7.76 16.66 10.68
CA GLN B 151 -6.62 16.33 11.53
C GLN B 151 -5.24 16.61 10.91
N ARG B 152 -5.17 16.66 9.59
CA ARG B 152 -3.88 16.88 8.92
C ARG B 152 -3.75 18.18 8.15
N ARG B 153 -4.68 19.11 8.36
CA ARG B 153 -4.65 20.41 7.69
C ARG B 153 -3.30 21.18 7.86
N GLN B 154 -2.69 21.08 9.02
CA GLN B 154 -1.42 21.77 9.24
C GLN B 154 -0.34 21.26 8.29
N PHE B 155 -0.55 20.06 7.74
CA PHE B 155 0.44 19.43 6.87
C PHE B 155 0.00 19.27 5.42
N LEU B 156 -0.91 20.11 4.95
CA LEU B 156 -1.37 20.02 3.58
C LEU B 156 -1.45 21.41 2.97
N THR B 157 -1.23 21.51 1.67
CA THR B 157 -1.32 22.80 0.99
C THR B 157 -2.79 23.03 0.66
N ASN B 158 -3.12 24.24 0.24
CA ASN B 158 -4.50 24.54 -0.07
C ASN B 158 -5.02 23.74 -1.25
N ASP B 159 -4.18 23.55 -2.27
CA ASP B 159 -4.58 22.78 -3.44
C ASP B 159 -4.74 21.29 -3.13
N GLN B 160 -4.05 20.79 -2.12
CA GLN B 160 -4.15 19.39 -1.76
C GLN B 160 -5.49 19.20 -1.05
N ILE B 161 -5.81 20.12 -0.15
CA ILE B 161 -7.08 20.07 0.58
C ILE B 161 -8.22 20.17 -0.41
N ARG B 162 -7.96 20.82 -1.53
CA ARG B 162 -9.00 20.98 -2.52
C ARG B 162 -9.17 19.80 -3.46
N TYR B 163 -8.08 19.28 -3.98
CA TYR B 163 -8.16 18.20 -4.94
C TYR B 163 -8.11 16.76 -4.42
N LEU B 164 -7.44 16.54 -3.29
CA LEU B 164 -7.34 15.20 -2.74
C LEU B 164 -8.71 14.55 -2.53
N PRO B 165 -9.62 15.22 -1.82
CA PRO B 165 -10.95 14.64 -1.57
C PRO B 165 -11.65 14.20 -2.86
N GLN B 166 -11.42 14.93 -3.94
CA GLN B 166 -12.04 14.55 -5.21
C GLN B 166 -11.28 13.40 -5.86
N LEU B 167 -9.97 13.34 -5.64
CA LEU B 167 -9.17 12.26 -6.22
C LEU B 167 -9.46 10.94 -5.50
N CYS B 168 -9.65 10.99 -4.18
CA CYS B 168 -9.94 9.82 -3.38
C CYS B 168 -11.22 9.11 -3.82
N ARG B 169 -12.13 9.88 -4.42
CA ARG B 169 -13.41 9.33 -4.83
C ARG B 169 -13.43 8.33 -5.99
N TYR B 170 -12.28 8.00 -6.57
CA TYR B 170 -12.31 7.01 -7.63
C TYR B 170 -12.82 5.69 -7.02
N LEU B 171 -12.68 5.56 -5.69
CA LEU B 171 -13.15 4.34 -4.99
C LEU B 171 -14.66 4.17 -5.14
N GLU B 172 -15.34 5.24 -5.51
CA GLU B 172 -16.78 5.13 -5.69
C GLU B 172 -17.00 4.13 -6.84
N LEU B 173 -16.06 4.12 -7.78
CA LEU B 173 -16.20 3.22 -8.91
C LEU B 173 -15.76 1.80 -8.64
N TRP B 174 -15.50 1.48 -7.38
CA TRP B 174 -15.16 0.11 -7.01
C TRP B 174 -16.36 -0.50 -6.28
N HIS B 175 -17.21 0.37 -5.73
CA HIS B 175 -18.40 -0.05 -4.99
C HIS B 175 -19.72 0.30 -5.69
N GLY B 176 -19.71 1.30 -6.55
CA GLY B 176 -20.93 1.71 -7.23
C GLY B 176 -21.74 2.65 -6.34
N LEU B 177 -21.05 3.26 -5.38
CA LEU B 177 -21.69 4.17 -4.44
C LEU B 177 -21.02 5.53 -4.24
N ASP B 178 -21.83 6.57 -4.14
CA ASP B 178 -21.35 7.94 -3.91
C ASP B 178 -20.78 7.91 -2.48
N TRP B 179 -19.66 8.58 -2.27
CA TRP B 179 -19.00 8.57 -0.97
C TRP B 179 -19.85 8.92 0.24
N LYS B 180 -21.07 9.41 0.04
CA LYS B 180 -21.97 9.75 1.16
C LYS B 180 -22.91 8.59 1.47
N LEU B 181 -22.97 7.66 0.53
CA LEU B 181 -23.80 6.49 0.69
C LEU B 181 -22.91 5.30 1.02
N LEU B 182 -21.60 5.51 0.96
CA LEU B 182 -20.65 4.43 1.22
C LEU B 182 -20.11 4.37 2.64
N SER B 183 -20.05 3.14 3.15
CA SER B 183 -19.55 2.87 4.49
C SER B 183 -18.03 3.03 4.57
N ALA B 184 -17.58 3.90 5.47
CA ALA B 184 -16.14 4.13 5.65
C ALA B 184 -15.40 2.82 5.97
N LYS B 185 -15.96 2.02 6.89
CA LYS B 185 -15.34 0.76 7.30
C LYS B 185 -15.06 -0.20 6.14
N ASP B 186 -15.94 -0.21 5.16
CA ASP B 186 -15.77 -1.11 4.03
C ASP B 186 -15.09 -0.49 2.81
N THR B 187 -14.85 0.81 2.82
CA THR B 187 -14.25 1.48 1.67
C THR B 187 -12.93 0.92 1.17
N TYR B 188 -11.96 0.76 2.06
CA TYR B 188 -10.67 0.22 1.66
C TYR B 188 -10.58 -1.28 1.90
N PHE B 189 -10.14 -2.02 0.90
CA PHE B 189 -10.00 -3.47 1.05
C PHE B 189 -8.78 -3.91 0.26
N GLY B 190 -8.20 -5.03 0.65
CA GLY B 190 -7.01 -5.50 -0.02
C GLY B 190 -7.21 -5.91 -1.46
N HIS B 191 -6.16 -5.68 -2.25
CA HIS B 191 -6.15 -6.06 -3.66
C HIS B 191 -4.98 -7.01 -3.80
N GLN B 192 -5.27 -8.30 -3.93
CA GLN B 192 -4.22 -9.32 -4.06
C GLN B 192 -3.54 -9.29 -5.42
N GLY B 193 -2.84 -8.21 -5.74
CA GLY B 193 -2.16 -8.16 -7.02
C GLY B 193 -2.89 -7.38 -8.09
N ARG B 194 -2.31 -7.37 -9.27
CA ARG B 194 -2.86 -6.66 -10.42
C ARG B 194 -4.17 -7.24 -10.92
N ASN B 195 -4.86 -6.43 -11.72
CA ASN B 195 -6.11 -6.82 -12.34
C ASN B 195 -5.83 -7.25 -13.76
N ALA B 196 -6.67 -8.13 -14.30
CA ALA B 196 -6.51 -8.61 -15.67
C ALA B 196 -7.82 -8.44 -16.43
N PHE B 197 -7.82 -7.52 -17.39
CA PHE B 197 -9.00 -7.24 -18.19
C PHE B 197 -9.31 -8.44 -19.07
N ALA B 198 -10.45 -9.08 -18.85
CA ALA B 198 -10.83 -10.24 -19.66
C ALA B 198 -11.26 -9.77 -21.04
N LEU B 199 -10.70 -10.40 -22.07
CA LEU B 199 -11.03 -10.05 -23.44
C LEU B 199 -12.19 -10.95 -23.81
N ASN B 200 -13.37 -10.52 -23.38
CA ASN B 200 -14.57 -11.28 -23.57
C ASN B 200 -14.60 -12.19 -22.36
N TYR B 201 -15.49 -11.87 -21.40
CA TYR B 201 -15.68 -12.67 -20.19
C TYR B 201 -16.61 -13.80 -20.60
N ASP B 202 -17.32 -13.60 -21.73
CA ASP B 202 -18.25 -14.59 -22.28
C ASP B 202 -17.53 -15.89 -22.61
N SER B 203 -16.26 -15.81 -22.95
CA SER B 203 -15.46 -16.98 -23.25
C SER B 203 -15.30 -17.81 -21.98
N VAL B 204 -15.34 -17.13 -20.84
CA VAL B 204 -15.23 -17.84 -19.57
C VAL B 204 -16.59 -18.48 -19.32
N VAL B 205 -17.66 -17.71 -19.56
CA VAL B 205 -19.01 -18.19 -19.37
C VAL B 205 -19.26 -19.41 -20.26
N GLN B 206 -18.97 -19.27 -21.55
CA GLN B 206 -19.16 -20.37 -22.47
C GLN B 206 -18.38 -21.62 -22.08
N ARG B 207 -17.07 -21.48 -21.88
CA ARG B 207 -16.26 -22.63 -21.51
C ARG B 207 -16.86 -23.42 -20.34
N ILE B 208 -17.40 -22.73 -19.34
CA ILE B 208 -17.97 -23.43 -18.18
C ILE B 208 -19.33 -24.04 -18.54
N ALA B 209 -20.11 -23.31 -19.33
CA ALA B 209 -21.43 -23.78 -19.73
C ALA B 209 -21.38 -25.09 -20.53
N GLN B 210 -20.40 -25.18 -21.42
CA GLN B 210 -20.26 -26.36 -22.26
C GLN B 210 -19.61 -27.56 -21.57
N SER B 211 -19.27 -27.41 -20.30
CA SER B 211 -18.62 -28.51 -19.58
C SER B 211 -19.59 -29.47 -18.89
N PHE B 212 -20.86 -29.39 -19.26
CA PHE B 212 -21.87 -30.28 -18.71
C PHE B 212 -23.03 -30.42 -19.70
N PRO B 213 -23.90 -31.42 -19.50
CA PRO B 213 -25.03 -31.68 -20.38
C PRO B 213 -25.87 -30.48 -20.78
N GLN B 214 -26.07 -30.32 -22.10
CA GLN B 214 -26.88 -29.22 -22.63
C GLN B 214 -28.32 -29.31 -22.14
N ASN B 215 -28.93 -30.48 -22.28
CA ASN B 215 -30.32 -30.68 -21.87
C ASN B 215 -30.57 -30.26 -20.42
N TRP B 216 -29.48 -30.08 -19.66
CA TRP B 216 -29.55 -29.65 -18.26
C TRP B 216 -30.03 -28.20 -18.15
N LEU B 217 -29.75 -27.43 -19.20
CA LEU B 217 -30.09 -26.01 -19.24
C LEU B 217 -31.48 -25.67 -19.75
N LYS B 218 -32.21 -24.92 -18.95
CA LYS B 218 -33.56 -24.46 -19.32
C LYS B 218 -33.59 -22.93 -19.23
N LEU B 219 -33.48 -22.26 -20.36
CA LEU B 219 -33.53 -20.80 -20.37
C LEU B 219 -34.97 -20.32 -20.41
N SER B 220 -35.17 -19.02 -20.21
CA SER B 220 -36.49 -18.41 -20.23
C SER B 220 -37.51 -18.97 -19.24
N CYS B 221 -37.09 -19.83 -18.31
CA CYS B 221 -38.00 -20.33 -17.29
C CYS B 221 -37.77 -19.50 -16.02
N GLU B 222 -38.77 -18.71 -15.61
CA GLU B 222 -38.65 -17.89 -14.39
C GLU B 222 -39.21 -18.65 -13.19
N VAL B 223 -38.34 -19.03 -12.27
CA VAL B 223 -38.76 -19.76 -11.08
C VAL B 223 -39.55 -18.81 -10.19
N LYS B 224 -40.74 -19.24 -9.74
CA LYS B 224 -41.58 -18.39 -8.90
C LYS B 224 -41.75 -18.87 -7.45
N SER B 225 -41.40 -20.12 -7.16
CA SER B 225 -41.52 -20.63 -5.80
C SER B 225 -40.78 -21.92 -5.52
N ILE B 226 -40.44 -22.11 -4.24
CA ILE B 226 -39.72 -23.28 -3.75
C ILE B 226 -40.36 -23.69 -2.43
N THR B 227 -40.64 -24.99 -2.29
CA THR B 227 -41.29 -25.49 -1.09
C THR B 227 -40.61 -26.75 -0.54
N ARG B 228 -40.54 -26.85 0.78
CA ARG B 228 -39.90 -28.02 1.39
C ARG B 228 -40.95 -28.97 1.94
N GLU B 229 -41.04 -30.15 1.33
CA GLU B 229 -41.95 -31.18 1.80
C GLU B 229 -41.14 -31.85 2.90
N PRO B 230 -41.49 -31.59 4.17
CA PRO B 230 -40.76 -32.18 5.31
C PRO B 230 -40.54 -33.70 5.18
N SER B 231 -39.68 -34.08 4.23
CA SER B 231 -39.38 -35.48 3.95
C SER B 231 -38.56 -35.61 2.66
N LYS B 232 -37.30 -35.19 2.71
CA LYS B 232 -36.40 -35.29 1.56
C LYS B 232 -36.90 -34.94 0.17
N ASN B 233 -37.62 -33.83 0.05
CA ASN B 233 -38.11 -33.42 -1.27
C ASN B 233 -38.34 -31.90 -1.37
N VAL B 234 -37.96 -31.34 -2.51
CA VAL B 234 -38.12 -29.91 -2.76
C VAL B 234 -38.91 -29.70 -4.05
N THR B 235 -39.92 -28.84 -3.98
CA THR B 235 -40.75 -28.54 -5.14
C THR B 235 -40.41 -27.16 -5.72
N VAL B 236 -40.19 -27.11 -7.03
CA VAL B 236 -39.86 -25.86 -7.72
C VAL B 236 -40.92 -25.61 -8.81
N ASN B 237 -41.36 -24.38 -8.98
CA ASN B 237 -42.37 -24.08 -10.01
C ASN B 237 -41.96 -22.99 -11.01
N CYS B 238 -41.69 -23.34 -12.27
CA CYS B 238 -41.36 -22.31 -13.27
C CYS B 238 -42.68 -21.55 -13.49
N GLU B 239 -42.65 -20.39 -14.13
CA GLU B 239 -43.90 -19.66 -14.36
C GLU B 239 -44.59 -20.26 -15.57
N ASP B 240 -43.86 -21.07 -16.34
CA ASP B 240 -44.45 -21.72 -17.50
C ASP B 240 -45.24 -22.96 -17.07
N GLY B 241 -45.72 -22.93 -15.82
CA GLY B 241 -46.51 -24.02 -15.27
C GLY B 241 -45.80 -25.27 -14.81
N THR B 242 -44.64 -25.58 -15.40
CA THR B 242 -43.92 -26.79 -15.02
C THR B 242 -43.59 -26.83 -13.53
N VAL B 243 -43.46 -28.05 -13.02
CA VAL B 243 -43.15 -28.30 -11.61
C VAL B 243 -42.09 -29.39 -11.55
N TYR B 244 -41.06 -29.19 -10.73
CA TYR B 244 -40.01 -30.19 -10.60
C TYR B 244 -39.82 -30.61 -9.16
N ASN B 245 -39.28 -31.81 -8.97
CA ASN B 245 -39.04 -32.34 -7.64
C ASN B 245 -37.55 -32.60 -7.53
N ALA B 246 -36.93 -32.13 -6.46
CA ALA B 246 -35.50 -32.33 -6.33
C ALA B 246 -35.05 -32.62 -4.91
N ASP B 247 -33.90 -33.29 -4.82
CA ASP B 247 -33.34 -33.63 -3.53
C ASP B 247 -32.69 -32.35 -2.99
N TYR B 248 -32.07 -31.60 -3.89
CA TYR B 248 -31.39 -30.36 -3.53
C TYR B 248 -31.60 -29.24 -4.54
N VAL B 249 -31.50 -28.00 -4.06
CA VAL B 249 -31.63 -26.84 -4.93
C VAL B 249 -30.57 -25.84 -4.48
N ILE B 250 -29.91 -25.21 -5.44
CA ILE B 250 -28.89 -24.21 -5.15
C ILE B 250 -29.39 -22.89 -5.73
N ILE B 251 -29.94 -22.04 -4.88
CA ILE B 251 -30.46 -20.75 -5.31
C ILE B 251 -29.32 -19.76 -5.53
N THR B 252 -29.18 -19.22 -6.75
CA THR B 252 -28.13 -18.24 -7.05
C THR B 252 -28.61 -16.88 -7.53
N VAL B 253 -29.87 -16.54 -7.29
CA VAL B 253 -30.36 -15.24 -7.72
C VAL B 253 -29.71 -14.11 -6.91
N PRO B 254 -29.54 -12.92 -7.51
CA PRO B 254 -28.94 -11.78 -6.82
C PRO B 254 -29.56 -11.48 -5.46
N GLN B 255 -28.73 -10.97 -4.56
CA GLN B 255 -29.17 -10.61 -3.23
C GLN B 255 -30.41 -9.70 -3.32
N SER B 256 -30.39 -8.80 -4.30
CA SER B 256 -31.48 -7.85 -4.50
C SER B 256 -32.77 -8.51 -4.95
N VAL B 257 -32.66 -9.59 -5.73
CA VAL B 257 -33.84 -10.34 -6.19
C VAL B 257 -34.36 -11.17 -5.01
N LEU B 258 -33.45 -11.88 -4.36
CA LEU B 258 -33.79 -12.71 -3.21
C LEU B 258 -34.40 -11.88 -2.09
N ASN B 259 -34.05 -10.60 -2.05
CA ASN B 259 -34.54 -9.71 -1.01
C ASN B 259 -36.06 -9.53 -1.13
N LEU B 260 -36.57 -9.70 -2.35
CA LEU B 260 -38.00 -9.54 -2.62
C LEU B 260 -38.85 -10.62 -1.95
N SER B 261 -38.21 -11.69 -1.51
CA SER B 261 -38.92 -12.79 -0.86
C SER B 261 -39.41 -12.46 0.54
N VAL B 262 -38.72 -11.57 1.25
CA VAL B 262 -39.12 -11.22 2.61
C VAL B 262 -40.20 -10.14 2.69
N GLN B 263 -40.74 -9.73 1.55
CA GLN B 263 -41.78 -8.70 1.52
C GLN B 263 -43.05 -9.25 0.89
N PRO B 264 -44.22 -8.70 1.27
CA PRO B 264 -45.53 -9.11 0.77
C PRO B 264 -45.86 -8.58 -0.64
N GLU B 265 -46.19 -9.52 -1.53
CA GLU B 265 -46.53 -9.27 -2.95
C GLU B 265 -45.73 -10.28 -3.74
N LYS B 266 -46.40 -11.30 -4.26
CA LYS B 266 -45.73 -12.35 -5.00
C LYS B 266 -45.71 -12.16 -6.50
N ASN B 267 -46.20 -11.02 -6.99
CA ASN B 267 -46.22 -10.80 -8.43
C ASN B 267 -45.11 -9.88 -8.94
N LEU B 268 -43.94 -9.99 -8.35
CA LEU B 268 -42.79 -9.18 -8.77
C LEU B 268 -41.85 -10.06 -9.55
N ARG B 269 -41.50 -9.64 -10.77
CA ARG B 269 -40.60 -10.41 -11.61
C ARG B 269 -39.31 -10.77 -10.87
N GLY B 270 -39.02 -12.07 -10.80
CA GLY B 270 -37.80 -12.53 -10.14
C GLY B 270 -38.06 -13.09 -8.75
N ARG B 271 -39.01 -12.50 -8.05
CA ARG B 271 -39.34 -12.94 -6.70
C ARG B 271 -39.71 -14.43 -6.56
N ILE B 272 -39.12 -15.06 -5.56
CA ILE B 272 -39.37 -16.46 -5.29
C ILE B 272 -40.12 -16.60 -3.96
N GLU B 273 -41.25 -17.31 -4.00
CA GLU B 273 -42.07 -17.54 -2.81
C GLU B 273 -41.53 -18.76 -2.06
N PHE B 274 -41.09 -18.56 -0.83
CA PHE B 274 -40.56 -19.66 -0.02
C PHE B 274 -41.56 -20.18 1.00
N GLN B 275 -41.66 -21.51 1.09
CA GLN B 275 -42.54 -22.18 2.05
C GLN B 275 -41.83 -23.39 2.63
N PRO B 276 -41.43 -23.33 3.91
CA PRO B 276 -41.60 -22.19 4.82
C PRO B 276 -40.76 -20.98 4.42
N PRO B 277 -41.18 -19.77 4.84
CA PRO B 277 -40.46 -18.53 4.53
C PRO B 277 -39.04 -18.56 5.08
N LEU B 278 -38.12 -17.91 4.37
CA LEU B 278 -36.73 -17.85 4.78
C LEU B 278 -36.55 -17.55 6.27
N LYS B 279 -35.68 -18.32 6.93
CA LYS B 279 -35.40 -18.13 8.35
C LYS B 279 -35.04 -16.68 8.69
N PRO B 280 -35.34 -16.27 9.92
CA PRO B 280 -35.04 -14.91 10.37
C PRO B 280 -33.56 -14.50 10.29
N VAL B 281 -32.64 -15.45 10.43
CA VAL B 281 -31.24 -15.10 10.34
C VAL B 281 -30.98 -14.56 8.94
N ILE B 282 -31.61 -15.19 7.96
CA ILE B 282 -31.48 -14.78 6.57
C ILE B 282 -32.25 -13.46 6.35
N GLN B 283 -33.50 -13.43 6.81
CA GLN B 283 -34.32 -12.24 6.66
C GLN B 283 -33.70 -10.99 7.33
N ASP B 284 -33.27 -11.12 8.58
CA ASP B 284 -32.69 -10.00 9.30
C ASP B 284 -31.36 -9.56 8.70
N ALA B 285 -30.69 -10.45 7.97
CA ALA B 285 -29.41 -10.08 7.36
C ALA B 285 -29.55 -9.03 6.25
N PHE B 286 -30.74 -8.93 5.66
CA PHE B 286 -30.97 -7.96 4.59
C PHE B 286 -30.93 -6.52 5.09
N ASP B 287 -30.99 -6.37 6.40
CA ASP B 287 -30.96 -5.05 7.01
C ASP B 287 -29.52 -4.60 7.26
N LYS B 288 -28.57 -5.51 7.14
CA LYS B 288 -27.18 -5.17 7.39
C LYS B 288 -26.25 -5.26 6.18
N ILE B 289 -26.83 -5.25 4.99
CA ILE B 289 -26.05 -5.28 3.77
C ILE B 289 -26.97 -4.77 2.68
N HIS B 290 -26.43 -4.01 1.74
CA HIS B 290 -27.26 -3.47 0.68
C HIS B 290 -26.75 -3.73 -0.73
N PHE B 291 -27.22 -2.97 -1.69
CA PHE B 291 -26.80 -3.22 -3.06
C PHE B 291 -26.28 -1.96 -3.73
N GLY B 292 -25.22 -2.11 -4.52
CA GLY B 292 -24.65 -0.97 -5.21
C GLY B 292 -25.11 -0.89 -6.65
N ALA B 293 -24.87 0.26 -7.29
CA ALA B 293 -25.28 0.45 -8.68
C ALA B 293 -24.17 0.95 -9.60
N LEU B 294 -23.19 0.10 -9.86
CA LEU B 294 -22.11 0.48 -10.75
C LEU B 294 -22.69 0.36 -12.16
N GLY B 295 -22.45 1.38 -12.99
CA GLY B 295 -22.96 1.31 -14.34
C GLY B 295 -21.89 1.54 -15.38
N LYS B 296 -22.19 1.18 -16.63
CA LYS B 296 -21.26 1.36 -17.72
C LYS B 296 -21.85 2.07 -18.94
N VAL B 297 -21.01 2.87 -19.59
CA VAL B 297 -21.37 3.63 -20.78
C VAL B 297 -20.20 3.45 -21.74
N ILE B 298 -20.47 2.93 -22.93
CA ILE B 298 -19.41 2.71 -23.91
C ILE B 298 -19.38 3.79 -24.98
N PHE B 299 -18.25 4.43 -25.16
CA PHE B 299 -18.13 5.46 -26.18
C PHE B 299 -17.28 4.92 -27.33
N GLU B 300 -17.95 4.64 -28.44
CA GLU B 300 -17.29 4.12 -29.61
C GLU B 300 -16.96 5.24 -30.58
N PHE B 301 -15.68 5.35 -30.93
CA PHE B 301 -15.25 6.37 -31.86
C PHE B 301 -14.86 5.72 -33.18
N GLU B 302 -14.90 6.49 -34.26
CA GLU B 302 -14.54 6.00 -35.58
C GLU B 302 -13.11 5.45 -35.58
N GLU B 303 -12.16 6.31 -35.25
CA GLU B 303 -10.76 5.91 -35.20
C GLU B 303 -10.08 6.58 -34.01
N CYS B 304 -8.95 6.02 -33.58
CA CYS B 304 -8.22 6.58 -32.45
C CYS B 304 -7.33 7.76 -32.83
N CYS B 305 -7.75 8.96 -32.47
CA CYS B 305 -6.96 10.15 -32.75
C CYS B 305 -6.69 10.92 -31.46
N TRP B 306 -6.16 10.20 -30.46
CA TRP B 306 -5.84 10.77 -29.15
C TRP B 306 -4.65 10.04 -28.54
N SER B 307 -3.94 10.72 -27.65
CA SER B 307 -2.76 10.14 -27.00
C SER B 307 -3.05 8.86 -26.20
N ASN B 308 -2.22 7.84 -26.39
CA ASN B 308 -2.37 6.57 -25.69
C ASN B 308 -1.32 6.41 -24.59
N GLU B 309 -1.14 7.46 -23.80
CA GLU B 309 -0.18 7.44 -22.70
C GLU B 309 -0.59 6.40 -21.67
N SER B 310 -1.87 6.42 -21.30
CA SER B 310 -2.41 5.49 -20.32
C SER B 310 -3.78 4.97 -20.75
N SER B 311 -4.23 3.89 -20.11
CA SER B 311 -5.52 3.31 -20.42
C SER B 311 -6.46 3.54 -19.23
N LYS B 312 -5.97 4.29 -18.24
CA LYS B 312 -6.75 4.59 -17.04
C LYS B 312 -6.87 6.09 -16.90
N ILE B 313 -8.10 6.58 -16.92
CA ILE B 313 -8.35 8.03 -16.81
C ILE B 313 -9.53 8.29 -15.88
N VAL B 314 -9.35 9.21 -14.95
CA VAL B 314 -10.42 9.55 -14.01
C VAL B 314 -10.65 11.05 -14.05
N THR B 315 -11.88 11.47 -14.29
CA THR B 315 -12.18 12.89 -14.30
C THR B 315 -12.69 13.25 -12.92
N LEU B 316 -12.04 14.22 -12.27
CA LEU B 316 -12.46 14.62 -10.93
C LEU B 316 -13.72 15.47 -10.98
N ALA B 317 -14.50 15.44 -9.92
CA ALA B 317 -15.70 16.25 -9.87
C ALA B 317 -15.22 17.63 -9.46
N ASN B 318 -15.98 18.66 -9.78
CA ASN B 318 -15.59 20.01 -9.42
C ASN B 318 -15.33 20.22 -7.93
N SER B 319 -14.41 21.14 -7.65
CA SER B 319 -14.07 21.52 -6.28
C SER B 319 -14.03 23.05 -6.28
N THR B 320 -13.92 23.68 -5.10
CA THR B 320 -13.88 25.13 -5.02
C THR B 320 -12.94 25.59 -3.91
N ASN B 321 -12.30 26.75 -4.11
CA ASN B 321 -11.38 27.29 -3.11
C ASN B 321 -12.14 27.65 -1.84
N GLU B 322 -13.45 27.82 -1.97
CA GLU B 322 -14.31 28.13 -0.83
C GLU B 322 -14.24 26.96 0.16
N PHE B 323 -14.26 25.74 -0.35
CA PHE B 323 -14.17 24.54 0.50
C PHE B 323 -12.87 24.60 1.33
N VAL B 324 -11.75 24.94 0.68
CA VAL B 324 -10.46 25.02 1.38
C VAL B 324 -10.56 25.95 2.57
N GLU B 325 -11.18 27.11 2.35
CA GLU B 325 -11.36 28.12 3.38
C GLU B 325 -12.17 27.56 4.55
N ILE B 326 -13.25 26.86 4.21
CA ILE B 326 -14.10 26.28 5.24
C ILE B 326 -13.33 25.27 6.06
N VAL B 327 -12.49 24.47 5.40
CA VAL B 327 -11.69 23.49 6.13
C VAL B 327 -10.68 24.18 7.05
N ARG B 328 -10.11 25.27 6.55
CA ARG B 328 -9.14 26.08 7.29
C ARG B 328 -9.73 26.71 8.56
N ASN B 329 -10.98 27.16 8.49
CA ASN B 329 -11.62 27.82 9.62
C ASN B 329 -12.45 26.96 10.58
N ALA B 330 -12.85 25.77 10.14
CA ALA B 330 -13.65 24.90 10.98
C ALA B 330 -12.96 24.61 12.30
N GLU B 331 -13.72 24.57 13.39
CA GLU B 331 -13.15 24.28 14.72
C GLU B 331 -13.09 22.77 14.93
N ASN B 332 -14.07 22.07 14.38
CA ASN B 332 -14.16 20.62 14.48
C ASN B 332 -15.10 20.05 13.42
N LEU B 333 -15.29 18.74 13.43
CA LEU B 333 -16.15 18.09 12.45
C LEU B 333 -17.57 18.64 12.52
N ASP B 334 -18.00 18.96 13.73
CA ASP B 334 -19.34 19.51 13.95
C ASP B 334 -19.52 20.81 13.17
N GLU B 335 -18.66 21.79 13.42
CA GLU B 335 -18.74 23.07 12.73
C GLU B 335 -18.56 22.92 11.22
N LEU B 336 -17.70 21.98 10.81
CA LEU B 336 -17.44 21.75 9.39
C LEU B 336 -18.69 21.22 8.69
N ASP B 337 -19.40 20.29 9.33
CA ASP B 337 -20.63 19.76 8.73
C ASP B 337 -21.61 20.92 8.59
N SER B 338 -21.66 21.76 9.63
CA SER B 338 -22.53 22.92 9.60
C SER B 338 -22.19 23.88 8.47
N MET B 339 -20.93 24.32 8.41
CA MET B 339 -20.51 25.24 7.36
C MET B 339 -20.63 24.62 5.96
N LEU B 340 -20.40 23.31 5.86
CA LEU B 340 -20.49 22.64 4.57
C LEU B 340 -21.90 22.73 4.03
N GLU B 341 -22.88 22.76 4.92
CA GLU B 341 -24.28 22.89 4.51
C GLU B 341 -24.45 24.32 4.04
N ARG B 342 -23.87 24.60 2.88
CA ARG B 342 -23.92 25.91 2.25
C ARG B 342 -24.68 25.79 0.93
N GLU B 343 -26.01 25.76 1.02
CA GLU B 343 -26.87 25.63 -0.15
C GLU B 343 -27.37 26.98 -0.66
N THR B 349 -27.16 23.80 -9.48
CA THR B 349 -28.21 23.08 -8.77
C THR B 349 -28.51 21.71 -9.40
N SER B 350 -28.43 21.62 -10.74
CA SER B 350 -28.70 20.37 -11.42
C SER B 350 -27.44 19.51 -11.51
N VAL B 351 -27.61 18.22 -11.80
CA VAL B 351 -26.47 17.31 -11.90
C VAL B 351 -25.82 17.27 -13.29
N THR B 352 -24.51 17.44 -13.33
CA THR B 352 -23.79 17.43 -14.61
C THR B 352 -22.70 16.36 -14.62
N CYS B 353 -22.06 16.18 -15.77
CA CYS B 353 -20.99 15.20 -15.88
C CYS B 353 -19.80 15.54 -14.95
N TRP B 354 -19.89 16.69 -14.29
CA TRP B 354 -18.84 17.13 -13.36
C TRP B 354 -19.32 17.07 -11.91
N SER B 355 -20.53 16.59 -11.70
CA SER B 355 -21.06 16.53 -10.35
C SER B 355 -20.56 15.36 -9.50
N GLN B 356 -19.81 14.44 -10.14
CA GLN B 356 -19.25 13.28 -9.47
C GLN B 356 -18.08 12.76 -10.31
N PRO B 357 -17.17 11.99 -9.71
CA PRO B 357 -16.05 11.50 -10.51
C PRO B 357 -16.52 10.48 -11.55
N LEU B 358 -15.78 10.32 -12.63
CA LEU B 358 -16.12 9.34 -13.67
C LEU B 358 -14.83 8.62 -14.02
N PHE B 359 -14.93 7.32 -14.27
CA PHE B 359 -13.77 6.48 -14.57
C PHE B 359 -13.77 5.94 -15.99
N PHE B 360 -12.78 6.34 -16.78
CA PHE B 360 -12.69 5.91 -18.17
C PHE B 360 -11.54 4.94 -18.47
N VAL B 361 -11.84 3.90 -19.22
CA VAL B 361 -10.82 2.95 -19.64
C VAL B 361 -10.57 3.26 -21.10
N ASN B 362 -9.37 3.73 -21.42
CA ASN B 362 -9.00 4.06 -22.80
C ASN B 362 -8.65 2.75 -23.48
N LEU B 363 -9.66 2.07 -24.04
CA LEU B 363 -9.45 0.77 -24.67
C LEU B 363 -8.44 0.80 -25.80
N SER B 364 -8.26 1.98 -26.37
CA SER B 364 -7.32 2.15 -27.47
C SER B 364 -5.97 1.56 -27.09
N LYS B 365 -5.44 1.97 -25.94
CA LYS B 365 -4.14 1.47 -25.52
C LYS B 365 -4.09 0.00 -25.11
N SER B 366 -5.08 -0.47 -24.35
CA SER B 366 -5.05 -1.85 -23.92
C SER B 366 -5.56 -2.91 -24.92
N THR B 367 -6.45 -2.52 -25.84
CA THR B 367 -6.97 -3.48 -26.82
C THR B 367 -6.86 -2.99 -28.28
N GLY B 368 -6.54 -1.72 -28.47
CA GLY B 368 -6.43 -1.19 -29.82
C GLY B 368 -7.74 -0.62 -30.34
N VAL B 369 -8.84 -0.98 -29.68
CA VAL B 369 -10.16 -0.51 -30.08
C VAL B 369 -10.37 0.95 -29.74
N ALA B 370 -10.80 1.74 -30.73
CA ALA B 370 -11.03 3.16 -30.56
C ALA B 370 -12.28 3.48 -29.75
N SER B 371 -12.38 2.92 -28.56
CA SER B 371 -13.54 3.17 -27.70
C SER B 371 -13.18 3.46 -26.24
N PHE B 372 -14.13 4.04 -25.53
CA PHE B 372 -13.93 4.34 -24.11
C PHE B 372 -14.97 3.59 -23.26
N MET B 373 -14.50 2.87 -22.25
CA MET B 373 -15.42 2.17 -21.35
C MET B 373 -15.45 3.03 -20.09
N MET B 374 -16.61 3.58 -19.76
CA MET B 374 -16.74 4.45 -18.60
C MET B 374 -17.62 3.88 -17.50
N LEU B 375 -17.13 3.99 -16.26
CA LEU B 375 -17.88 3.51 -15.09
C LEU B 375 -18.50 4.68 -14.34
N MET B 376 -19.66 4.43 -13.75
CA MET B 376 -20.39 5.43 -13.00
C MET B 376 -20.96 4.78 -11.74
N GLN B 377 -21.40 5.61 -10.80
CA GLN B 377 -21.91 5.14 -9.51
C GLN B 377 -23.32 5.63 -9.20
N ALA B 378 -23.89 5.10 -8.13
CA ALA B 378 -25.21 5.53 -7.70
C ALA B 378 -24.94 6.88 -7.03
N PRO B 379 -25.87 7.84 -7.16
CA PRO B 379 -27.15 7.79 -7.86
C PRO B 379 -27.09 8.05 -9.38
N LEU B 380 -25.97 8.56 -9.87
CA LEU B 380 -25.86 8.85 -11.30
C LEU B 380 -26.23 7.69 -12.22
N THR B 381 -25.84 6.48 -11.85
CA THR B 381 -26.15 5.32 -12.70
C THR B 381 -27.64 5.14 -12.96
N ASN B 382 -28.46 5.39 -11.94
CA ASN B 382 -29.90 5.21 -12.08
C ASN B 382 -30.47 6.25 -13.04
N HIS B 383 -30.02 7.49 -12.95
CA HIS B 383 -30.51 8.54 -13.84
C HIS B 383 -30.05 8.33 -15.26
N ILE B 384 -28.81 7.89 -15.44
CA ILE B 384 -28.29 7.66 -16.77
C ILE B 384 -28.92 6.47 -17.47
N GLU B 385 -29.09 5.36 -16.76
CA GLU B 385 -29.69 4.18 -17.36
C GLU B 385 -31.18 4.43 -17.65
N SER B 386 -31.80 5.31 -16.87
CA SER B 386 -33.21 5.62 -17.08
C SER B 386 -33.47 6.28 -18.44
N ILE B 387 -32.53 7.11 -18.89
CA ILE B 387 -32.66 7.82 -20.16
C ILE B 387 -31.66 7.26 -21.16
N ARG B 388 -31.35 5.97 -21.02
CA ARG B 388 -30.35 5.36 -21.89
C ARG B 388 -30.74 5.17 -23.34
N GLU B 389 -31.96 5.56 -23.68
CA GLU B 389 -32.44 5.40 -25.04
C GLU B 389 -32.33 6.69 -25.84
N ASP B 390 -32.15 7.80 -25.12
CA ASP B 390 -32.03 9.13 -25.71
C ASP B 390 -30.55 9.42 -25.95
N LYS B 391 -30.02 8.91 -27.06
CA LYS B 391 -28.62 9.08 -27.42
C LYS B 391 -28.16 10.54 -27.56
N GLU B 392 -29.08 11.42 -27.95
CA GLU B 392 -28.74 12.84 -28.12
C GLU B 392 -28.49 13.47 -26.76
N ARG B 393 -29.35 13.14 -25.80
CA ARG B 393 -29.26 13.68 -24.46
C ARG B 393 -28.02 13.14 -23.73
N LEU B 394 -27.63 11.90 -24.06
CA LEU B 394 -26.47 11.30 -23.44
C LEU B 394 -25.21 12.00 -23.90
N PHE B 395 -25.17 12.37 -25.18
CA PHE B 395 -24.00 13.05 -25.72
C PHE B 395 -23.88 14.43 -25.10
N SER B 396 -24.99 15.15 -25.02
CA SER B 396 -24.97 16.47 -24.41
C SER B 396 -24.51 16.36 -22.95
N PHE B 397 -24.78 15.21 -22.34
CA PHE B 397 -24.39 15.02 -20.95
C PHE B 397 -22.89 14.83 -20.79
N PHE B 398 -22.33 13.86 -21.51
CA PHE B 398 -20.90 13.55 -21.41
C PHE B 398 -20.00 14.34 -22.36
N GLN B 399 -20.55 15.32 -23.07
CA GLN B 399 -19.75 16.08 -24.01
C GLN B 399 -18.67 16.93 -23.36
N PRO B 400 -19.05 17.81 -22.41
CA PRO B 400 -17.98 18.61 -21.80
C PRO B 400 -16.82 17.76 -21.27
N VAL B 401 -17.15 16.69 -20.54
CA VAL B 401 -16.14 15.81 -19.99
C VAL B 401 -15.36 15.10 -21.09
N LEU B 402 -16.06 14.59 -22.11
CA LEU B 402 -15.40 13.89 -23.21
C LEU B 402 -14.38 14.82 -23.86
N ASN B 403 -14.80 16.05 -24.13
CA ASN B 403 -13.89 17.01 -24.75
C ASN B 403 -12.64 17.17 -23.92
N LYS B 404 -12.81 17.61 -22.68
CA LYS B 404 -11.70 17.82 -21.77
C LYS B 404 -10.67 16.70 -21.83
N ILE B 405 -11.13 15.47 -21.99
CA ILE B 405 -10.19 14.36 -22.09
C ILE B 405 -9.35 14.54 -23.34
N MET B 406 -10.01 14.79 -24.47
CA MET B 406 -9.33 14.99 -25.74
C MET B 406 -8.27 16.08 -25.61
N LYS B 407 -8.65 17.20 -25.00
CA LYS B 407 -7.72 18.31 -24.80
C LYS B 407 -6.48 17.80 -24.07
N CYS B 408 -6.68 17.24 -22.88
CA CYS B 408 -5.59 16.69 -22.08
C CYS B 408 -4.84 15.58 -22.82
N LEU B 409 -5.55 14.89 -23.70
CA LEU B 409 -4.96 13.82 -24.49
C LEU B 409 -4.47 14.27 -25.87
N ASP B 410 -4.50 15.58 -26.10
CA ASP B 410 -4.04 16.19 -27.36
C ASP B 410 -4.93 15.90 -28.57
N SER B 411 -6.07 16.59 -28.65
CA SER B 411 -7.03 16.44 -29.74
C SER B 411 -8.06 17.53 -29.59
N GLU B 412 -9.00 17.57 -30.53
CA GLU B 412 -10.02 18.59 -30.50
C GLU B 412 -11.33 18.03 -29.94
N ASP B 413 -12.30 18.91 -29.82
CA ASP B 413 -13.61 18.54 -29.31
C ASP B 413 -14.13 17.33 -30.08
N VAL B 414 -15.07 16.61 -29.48
CA VAL B 414 -15.63 15.44 -30.12
C VAL B 414 -16.78 15.86 -31.05
N ILE B 415 -16.90 15.14 -32.16
CA ILE B 415 -17.95 15.42 -33.13
C ILE B 415 -19.01 14.33 -33.08
N ASP B 416 -20.28 14.75 -33.02
CA ASP B 416 -21.38 13.80 -32.96
C ASP B 416 -21.65 13.16 -34.32
N GLY B 417 -21.16 11.94 -34.51
CA GLY B 417 -21.36 11.26 -35.77
C GLY B 417 -22.14 9.98 -35.59
N MET B 418 -23.26 10.06 -34.86
CA MET B 418 -24.09 8.89 -34.60
C MET B 418 -25.16 8.61 -35.64
N ARG B 419 -24.89 8.98 -36.90
CA ARG B 419 -25.83 8.76 -38.00
C ARG B 419 -25.04 8.63 -39.30
N ALA B 427 -10.66 14.56 -40.04
CA ALA B 427 -9.27 14.23 -40.26
C ALA B 427 -8.56 13.97 -38.95
N ASN B 428 -8.42 15.03 -38.15
CA ASN B 428 -7.76 14.91 -36.86
C ASN B 428 -8.74 15.18 -35.73
N LYS B 429 -10.03 15.01 -36.02
CA LYS B 429 -11.08 15.23 -35.03
C LYS B 429 -11.76 13.90 -34.69
N PRO B 430 -11.86 13.58 -33.39
CA PRO B 430 -12.50 12.34 -32.93
C PRO B 430 -13.99 12.33 -33.24
N VAL B 431 -14.45 11.27 -33.90
CA VAL B 431 -15.87 11.19 -34.24
C VAL B 431 -16.61 10.05 -33.54
N LEU B 432 -17.48 10.44 -32.61
CA LEU B 432 -18.30 9.52 -31.83
C LEU B 432 -19.35 8.90 -32.72
N ARG B 433 -19.41 7.58 -32.73
CA ARG B 433 -20.39 6.90 -33.55
C ARG B 433 -21.53 6.34 -32.71
N ASN B 434 -21.18 5.56 -31.70
CA ASN B 434 -22.20 4.91 -30.87
C ASN B 434 -21.99 5.03 -29.36
N ILE B 435 -23.10 5.00 -28.64
CA ILE B 435 -23.09 5.09 -27.18
C ILE B 435 -23.92 3.93 -26.64
N ILE B 436 -23.27 3.00 -25.94
CA ILE B 436 -23.95 1.85 -25.34
C ILE B 436 -24.09 2.13 -23.84
N VAL B 437 -25.17 1.66 -23.25
CA VAL B 437 -25.39 1.87 -21.82
C VAL B 437 -25.89 0.63 -21.13
N SER B 438 -25.38 0.40 -19.91
CA SER B 438 -25.80 -0.77 -19.12
C SER B 438 -27.26 -0.58 -18.70
N ASN B 439 -27.89 -1.63 -18.20
CA ASN B 439 -29.28 -1.54 -17.78
C ASN B 439 -29.57 -2.37 -16.53
N TRP B 440 -28.54 -2.65 -15.73
CA TRP B 440 -28.69 -3.46 -14.52
C TRP B 440 -29.68 -2.99 -13.47
N THR B 441 -29.83 -1.68 -13.28
CA THR B 441 -30.77 -1.20 -12.27
C THR B 441 -32.23 -1.44 -12.62
N ARG B 442 -32.56 -1.32 -13.91
CA ARG B 442 -33.92 -1.50 -14.38
C ARG B 442 -34.31 -2.95 -14.72
N ASP B 443 -33.31 -3.81 -14.89
CA ASP B 443 -33.50 -5.23 -15.21
C ASP B 443 -34.03 -5.98 -13.98
N PRO B 444 -35.24 -6.57 -14.05
CA PRO B 444 -35.85 -7.31 -12.94
C PRO B 444 -35.07 -8.49 -12.38
N TYR B 445 -34.19 -9.09 -13.18
CA TYR B 445 -33.43 -10.22 -12.68
C TYR B 445 -32.03 -9.78 -12.24
N SER B 446 -31.91 -8.47 -12.07
CA SER B 446 -30.65 -7.84 -11.68
C SER B 446 -30.88 -6.87 -10.51
N ARG B 447 -31.70 -5.86 -10.75
CA ARG B 447 -32.04 -4.86 -9.75
C ARG B 447 -30.80 -4.30 -9.05
N GLY B 448 -29.82 -3.87 -9.84
CA GLY B 448 -28.59 -3.33 -9.29
C GLY B 448 -27.33 -4.01 -9.79
N ALA B 449 -26.17 -3.56 -9.33
CA ALA B 449 -24.91 -4.13 -9.76
C ALA B 449 -24.40 -5.30 -8.91
N TYR B 450 -24.15 -5.07 -7.63
CA TYR B 450 -23.66 -6.12 -6.73
C TYR B 450 -23.68 -5.69 -5.26
N SER B 451 -23.46 -6.63 -4.35
CA SER B 451 -23.48 -6.31 -2.92
C SER B 451 -22.53 -5.19 -2.52
N ALA B 452 -23.04 -4.27 -1.70
CA ALA B 452 -22.28 -3.12 -1.22
C ALA B 452 -22.74 -2.69 0.18
N CYS B 453 -21.90 -1.95 0.89
CA CYS B 453 -22.22 -1.52 2.24
C CYS B 453 -22.51 -0.02 2.47
N PHE B 454 -23.61 0.25 3.16
CA PHE B 454 -23.97 1.60 3.52
C PHE B 454 -23.32 1.71 4.91
N PRO B 455 -23.21 2.92 5.46
CA PRO B 455 -22.59 2.92 6.80
C PRO B 455 -23.41 2.12 7.82
N GLY B 456 -22.71 1.25 8.55
CA GLY B 456 -23.35 0.42 9.55
C GLY B 456 -23.46 -1.06 9.15
N ASP B 457 -23.41 -1.35 7.86
CA ASP B 457 -23.53 -2.73 7.38
C ASP B 457 -22.43 -3.69 7.80
N ASP B 458 -22.85 -4.89 8.17
CA ASP B 458 -21.92 -5.95 8.56
C ASP B 458 -22.19 -7.06 7.56
N PRO B 459 -21.43 -7.11 6.45
CA PRO B 459 -21.59 -8.11 5.39
C PRO B 459 -21.45 -9.56 5.84
N VAL B 460 -20.75 -9.78 6.95
CA VAL B 460 -20.57 -11.13 7.44
C VAL B 460 -21.91 -11.82 7.77
N ASP B 461 -22.88 -11.07 8.28
CA ASP B 461 -24.16 -11.65 8.63
C ASP B 461 -24.78 -12.40 7.45
N MET B 462 -24.84 -11.72 6.31
CA MET B 462 -25.41 -12.29 5.11
C MET B 462 -24.56 -13.48 4.64
N VAL B 463 -23.24 -13.31 4.61
CA VAL B 463 -22.38 -14.39 4.17
C VAL B 463 -22.57 -15.65 5.01
N VAL B 464 -22.68 -15.46 6.32
CA VAL B 464 -22.87 -16.56 7.26
C VAL B 464 -24.23 -17.22 7.04
N ALA B 465 -25.29 -16.43 7.05
CA ALA B 465 -26.64 -16.96 6.87
C ALA B 465 -26.80 -17.69 5.53
N MET B 466 -26.13 -17.16 4.50
CA MET B 466 -26.20 -17.74 3.16
C MET B 466 -25.47 -19.08 3.02
N SER B 467 -24.22 -19.15 3.45
CA SER B 467 -23.46 -20.39 3.32
C SER B 467 -23.91 -21.49 4.29
N ASN B 468 -24.84 -21.17 5.17
CA ASN B 468 -25.36 -22.16 6.10
C ASN B 468 -26.75 -22.62 5.67
N GLY B 469 -27.16 -22.18 4.48
CA GLY B 469 -28.46 -22.54 3.91
C GLY B 469 -29.74 -22.37 4.71
N GLN B 470 -30.87 -22.53 4.01
CA GLN B 470 -32.21 -22.44 4.61
C GLN B 470 -32.42 -23.72 5.42
N ASP B 471 -31.77 -24.79 4.95
CA ASP B 471 -31.75 -26.10 5.58
C ASP B 471 -30.83 -27.00 4.76
N SER B 472 -30.76 -28.27 5.12
CA SER B 472 -29.88 -29.21 4.42
C SER B 472 -30.11 -29.31 2.91
N ARG B 473 -31.31 -28.95 2.45
CA ARG B 473 -31.63 -29.06 1.03
C ARG B 473 -31.67 -27.74 0.25
N ILE B 474 -32.15 -26.68 0.90
CA ILE B 474 -32.22 -25.37 0.25
C ILE B 474 -30.89 -24.63 0.49
N ARG B 475 -30.08 -24.53 -0.56
CA ARG B 475 -28.77 -23.89 -0.47
C ARG B 475 -28.63 -22.59 -1.28
N PHE B 476 -27.57 -21.83 -1.01
CA PHE B 476 -27.35 -20.58 -1.73
C PHE B 476 -25.93 -20.38 -2.19
N ALA B 477 -25.79 -19.81 -3.38
CA ALA B 477 -24.49 -19.51 -3.96
C ALA B 477 -24.64 -18.15 -4.64
N GLY B 478 -23.54 -17.53 -5.02
CA GLY B 478 -23.59 -16.21 -5.66
C GLY B 478 -22.56 -15.28 -5.02
N GLU B 479 -22.23 -14.19 -5.70
CA GLU B 479 -21.23 -13.24 -5.19
C GLU B 479 -21.49 -12.68 -3.80
N HIS B 480 -22.75 -12.72 -3.35
CA HIS B 480 -23.10 -12.19 -2.05
C HIS B 480 -23.12 -13.27 -0.98
N THR B 481 -22.59 -14.45 -1.30
CA THR B 481 -22.62 -15.57 -0.36
C THR B 481 -21.26 -16.09 0.10
N ILE B 482 -20.22 -15.29 -0.05
CA ILE B 482 -18.89 -15.77 0.30
C ILE B 482 -17.91 -14.66 0.64
N MET B 483 -17.02 -14.94 1.58
CA MET B 483 -16.02 -13.99 2.04
C MET B 483 -14.94 -13.67 1.00
N ASP B 484 -14.06 -14.62 0.72
CA ASP B 484 -13.01 -14.37 -0.25
C ASP B 484 -13.60 -14.19 -1.64
N GLY B 485 -13.41 -13.00 -2.21
CA GLY B 485 -13.91 -12.72 -3.54
C GLY B 485 -15.35 -12.24 -3.54
N ALA B 486 -15.83 -11.79 -2.39
CA ALA B 486 -17.19 -11.28 -2.26
C ALA B 486 -17.42 -10.20 -3.32
N GLY B 487 -18.61 -10.20 -3.92
CA GLY B 487 -18.93 -9.23 -4.95
C GLY B 487 -18.16 -9.42 -6.25
N CYS B 488 -17.28 -10.42 -6.31
CA CYS B 488 -16.50 -10.67 -7.51
C CYS B 488 -16.99 -11.87 -8.32
N ALA B 489 -16.62 -11.91 -9.60
CA ALA B 489 -16.99 -13.02 -10.47
C ALA B 489 -16.39 -14.33 -9.96
N TYR B 490 -15.12 -14.27 -9.57
CA TYR B 490 -14.43 -15.46 -9.09
C TYR B 490 -14.93 -15.93 -7.73
N GLY B 491 -15.59 -15.04 -7.00
CA GLY B 491 -16.13 -15.43 -5.70
C GLY B 491 -17.43 -16.16 -5.98
N ALA B 492 -18.21 -15.64 -6.93
CA ALA B 492 -19.47 -16.26 -7.30
C ALA B 492 -19.12 -17.68 -7.74
N TRP B 493 -18.13 -17.77 -8.60
CA TRP B 493 -17.62 -19.04 -9.12
C TRP B 493 -17.34 -19.99 -7.96
N GLU B 494 -16.39 -19.63 -7.10
CA GLU B 494 -16.03 -20.46 -5.96
C GLU B 494 -17.25 -20.89 -5.13
N SER B 495 -18.21 -19.99 -4.92
CA SER B 495 -19.40 -20.32 -4.14
C SER B 495 -20.17 -21.39 -4.89
N GLY B 496 -19.99 -21.40 -6.21
CA GLY B 496 -20.67 -22.39 -7.02
C GLY B 496 -20.02 -23.74 -6.79
N ARG B 497 -18.70 -23.76 -6.82
CA ARG B 497 -17.93 -24.99 -6.60
C ARG B 497 -18.18 -25.50 -5.20
N ARG B 498 -18.36 -24.56 -4.26
CA ARG B 498 -18.60 -24.91 -2.86
C ARG B 498 -19.86 -25.74 -2.62
N GLU B 499 -21.00 -25.19 -3.00
CA GLU B 499 -22.28 -25.86 -2.80
C GLU B 499 -22.35 -27.21 -3.51
N ALA B 500 -21.86 -27.26 -4.74
CA ALA B 500 -21.90 -28.49 -5.53
C ALA B 500 -21.07 -29.60 -4.90
N THR B 501 -19.87 -29.26 -4.44
CA THR B 501 -19.01 -30.24 -3.79
C THR B 501 -19.71 -30.83 -2.58
N ARG B 502 -20.22 -29.97 -1.70
CA ARG B 502 -20.92 -30.43 -0.51
C ARG B 502 -21.97 -31.46 -0.87
N ILE B 503 -22.81 -31.14 -1.85
CA ILE B 503 -23.89 -32.02 -2.30
C ILE B 503 -23.40 -33.34 -2.86
N SER B 504 -22.46 -33.28 -3.81
CA SER B 504 -21.89 -34.48 -4.42
C SER B 504 -21.55 -35.45 -3.29
N ASP B 505 -20.77 -34.95 -2.34
CA ASP B 505 -20.37 -35.76 -1.20
C ASP B 505 -21.59 -36.42 -0.54
N LEU B 506 -22.66 -35.66 -0.36
CA LEU B 506 -23.87 -36.20 0.26
C LEU B 506 -24.54 -37.24 -0.64
N LEU B 507 -24.66 -36.93 -1.93
CA LEU B 507 -25.29 -37.86 -2.86
C LEU B 507 -24.40 -39.07 -3.08
N LYS B 508 -23.16 -38.97 -2.63
CA LYS B 508 -22.19 -40.06 -2.76
C LYS B 508 -22.42 -41.13 -1.70
N LEU B 509 -22.99 -40.72 -0.56
CA LEU B 509 -23.28 -41.64 0.51
C LEU B 509 -24.66 -42.26 0.33
N GLU B 510 -24.75 -43.31 -0.48
CA GLU B 510 -26.03 -43.96 -0.72
C GLU B 510 -26.17 -45.30 0.00
PA FAD C . 23.01 6.83 20.16
O1A FAD C . 23.17 5.76 19.18
O2A FAD C . 22.14 8.00 20.28
O5B FAD C . 23.57 6.29 21.59
C5B FAD C . 23.58 7.11 22.76
C4B FAD C . 25.05 7.46 23.13
O4B FAD C . 25.71 6.34 23.74
C3B FAD C . 25.98 7.87 21.98
O3B FAD C . 26.15 9.26 21.93
C2B FAD C . 27.26 7.09 22.27
O2B FAD C . 28.49 7.72 21.98
C1B FAD C . 27.07 6.72 23.73
N9A FAD C . 27.92 5.60 24.19
C8A FAD C . 28.19 4.42 23.53
N7A FAD C . 29.00 3.62 24.22
C5A FAD C . 29.27 4.32 25.38
C6A FAD C . 30.08 4.01 26.51
N6A FAD C . 30.75 2.88 26.65
N1A FAD C . 30.14 4.95 27.52
C2A FAD C . 29.44 6.14 27.41
N3A FAD C . 28.66 6.49 26.36
C4A FAD C . 28.61 5.55 25.37
N1 FAD C . 16.12 7.63 12.44
C2 FAD C . 14.96 8.28 12.04
O2 FAD C . 13.95 8.32 12.75
N3 FAD C . 14.95 8.92 10.79
C4 FAD C . 16.02 8.94 9.93
O4 FAD C . 15.94 9.54 8.83
C4X FAD C . 17.20 8.28 10.34
N5 FAD C . 18.34 8.28 9.52
C5X FAD C . 19.52 7.67 9.92
C6 FAD C . 20.65 7.71 9.10
C7 FAD C . 21.88 7.12 9.48
C7M FAD C . 23.06 7.21 8.55
C8 FAD C . 21.94 6.46 10.75
C8M FAD C . 23.21 5.83 11.25
C9 FAD C . 20.80 6.41 11.59
C9A FAD C . 19.58 7.00 11.20
N10 FAD C . 18.41 6.98 12.03
C10 FAD C . 17.22 7.63 11.61
C1' FAD C . 18.43 6.29 13.36
C2' FAD C . 18.55 7.23 14.54
O2' FAD C . 19.64 8.07 14.31
C3' FAD C . 18.77 6.39 15.78
O3' FAD C . 17.66 5.52 15.98
C4' FAD C . 18.89 7.13 17.10
O4' FAD C . 19.73 8.28 16.98
C5' FAD C . 19.45 6.19 18.15
O5' FAD C . 19.46 6.91 19.37
P FAD C . 20.01 6.32 20.73
O1P FAD C . 19.79 7.38 21.73
O2P FAD C . 19.37 5.00 21.02
O3P FAD C . 21.61 6.02 20.51
CAB SP5 D . 15.09 -0.79 10.95
CAC SP5 D . 13.66 -0.31 10.70
OAA SP5 D . 12.71 -1.08 10.80
NAD SP5 D . 13.54 0.98 10.39
CAE SP5 D . 14.70 1.88 10.31
CAF SP5 D . 14.26 3.33 10.09
CAG SP5 D . 15.47 4.25 10.10
NAH SP5 D . 15.38 5.25 9.02
CAI SP5 D . 16.41 5.02 8.00
CAJ SP5 D . 15.82 5.34 6.63
CAK SP5 D . 16.21 6.74 6.16
CAL SP5 D . 16.02 6.91 4.64
NAM SP5 D . 15.35 5.71 4.11
CAN SP5 D . 14.79 6.04 2.79
CAO SP5 D . 13.79 7.19 2.93
CAP SP5 D . 13.16 7.51 1.57
NAQ SP5 D . 11.71 7.27 1.62
PA FAD E . -25.84 -13.50 -11.80
O1A FAD E . -25.80 -12.12 -11.33
O2A FAD E . -24.84 -14.42 -12.26
O5B FAD E . -27.19 -14.18 -11.19
C5B FAD E . -27.56 -15.54 -11.45
C4B FAD E . -28.80 -15.60 -12.40
O4B FAD E . -30.02 -15.61 -11.69
C3B FAD E . -28.96 -14.48 -13.45
O3B FAD E . -28.51 -14.91 -14.71
C2B FAD E . -30.46 -14.16 -13.40
O2B FAD E . -31.07 -13.86 -14.63
C1B FAD E . -31.02 -15.40 -12.69
N9A FAD E . -32.33 -15.26 -12.00
C8A FAD E . -32.73 -14.24 -11.18
N7A FAD E . -33.96 -14.41 -10.69
C5A FAD E . -34.39 -15.59 -11.24
C6A FAD E . -35.61 -16.31 -11.10
N6A FAD E . -36.62 -15.91 -10.35
N1A FAD E . -35.73 -17.51 -11.80
C2A FAD E . -34.69 -17.96 -12.59
N3A FAD E . -33.50 -17.33 -12.75
C4A FAD E . -33.39 -16.14 -12.05
N1 FAD E . -16.94 -8.56 -10.87
C2 FAD E . -15.60 -8.74 -11.04
O2 FAD E . -15.03 -9.69 -10.51
N3 FAD E . -14.89 -7.82 -11.83
C4 FAD E . -15.50 -6.72 -12.47
O4 FAD E . -14.83 -5.93 -13.19
C4X FAD E . -16.88 -6.57 -12.29
N5 FAD E . -17.55 -5.52 -12.90
C5X FAD E . -18.93 -5.39 -12.79
C6 FAD E . -19.60 -4.36 -13.46
C7 FAD E . -21.00 -4.21 -13.40
C7M FAD E . -21.67 -3.09 -14.15
C8 FAD E . -21.74 -5.17 -12.60
C8M FAD E . -23.26 -5.11 -12.50
C9 FAD E . -21.06 -6.21 -11.91
C9A FAD E . -19.67 -6.34 -11.99
N10 FAD E . -18.95 -7.39 -11.32
C10 FAD E . -17.57 -7.50 -11.48
C1' FAD E . -19.64 -8.40 -10.46
C2' FAD E . -19.87 -9.74 -11.14
O2' FAD E . -20.57 -9.50 -12.34
C3' FAD E . -20.69 -10.61 -10.19
O3' FAD E . -19.97 -10.86 -8.98
C4' FAD E . -21.03 -12.01 -10.67
O4' FAD E . -21.25 -12.02 -12.09
C5' FAD E . -22.29 -12.47 -9.93
O5' FAD E . -22.53 -13.82 -10.34
P FAD E . -23.75 -14.67 -9.83
O1P FAD E . -23.54 -15.96 -10.48
O2P FAD E . -23.80 -14.67 -8.35
O3P FAD E . -25.12 -13.93 -10.35
#